data_5IU9
#
_entry.id   5IU9
#
_cell.length_a   66.390
_cell.length_b   59.776
_cell.length_c   165.925
_cell.angle_alpha   90.00
_cell.angle_beta   94.39
_cell.angle_gamma   90.00
#
_symmetry.space_group_name_H-M   'P 1 21 1'
#
loop_
_entity.id
_entity.type
_entity.pdbx_description
1 polymer 'Protocadherin-19 isoform 1'
2 non-polymer 'CALCIUM ION'
3 non-polymer 'SODIUM ION'
4 water water
#
_entity_poly.entity_id   1
_entity_poly.type   'polypeptide(L)'
_entity_poly.pdbx_seq_one_letter_code
;MVFNLKYTVEEELRAGTKIANVTADAKVAGFALGNRQPYLRVISNSEPRWVNLSPAGLLITKQKIDRDAVCRQTPKCFIS
LEVMSNSMEICVIKIEIIDVNDNAPRFPTNHIDIEISENAAPGTRFPLEGASDPDSGSNGIQTYTITPNDIFGLEIKTRG
DGSKIAELVVEKTLDRETQSRYTFELTAEDGGDPPKSGTVQLNIKVIDSNDNNPVFDEPVYTVNVLENSPINTLVIDLNA
TDPDEGTNGEVVYSFINFVSNLTKQMFKIDPKTGVITVNGVLDHEELHIHEIDVQAKDLGPNSIPAHCKVIVNVIDINDN
APEIKLLSENSEMVEVSENAPLGYVIALVRVSDNDSGANGKVQCRLQGNVPFRLNEFESFSTLLVDGRLDREQRDMYNLT
ILAEDSGYPPLRSSKSFAVKVTDLEHHHHHH
;
_entity_poly.pdbx_strand_id   A,B
#
# COMPACT_ATOMS: atom_id res chain seq x y z
N VAL A 2 -50.55 -40.98 43.54
CA VAL A 2 -49.73 -39.74 43.33
C VAL A 2 -48.98 -39.82 41.98
N PHE A 3 -49.73 -39.80 40.86
CA PHE A 3 -49.16 -40.03 39.51
C PHE A 3 -49.54 -38.99 38.46
N ASN A 4 -48.78 -38.99 37.35
CA ASN A 4 -48.76 -37.90 36.35
C ASN A 4 -49.85 -37.99 35.26
N LEU A 5 -49.95 -36.90 34.51
CA LEU A 5 -50.66 -36.84 33.22
C LEU A 5 -49.86 -35.97 32.23
N LYS A 6 -50.23 -36.04 30.95
CA LYS A 6 -49.50 -35.35 29.87
C LYS A 6 -50.48 -34.90 28.74
N TYR A 7 -50.32 -33.67 28.21
CA TYR A 7 -51.22 -33.10 27.16
C TYR A 7 -50.55 -32.09 26.23
N THR A 8 -50.68 -32.28 24.91
CA THR A 8 -50.09 -31.36 23.96
C THR A 8 -51.12 -30.34 23.46
N VAL A 9 -50.73 -29.08 23.51
CA VAL A 9 -51.50 -27.96 22.96
C VAL A 9 -50.56 -27.16 22.06
N GLU A 10 -51.08 -26.49 21.05
CA GLU A 10 -50.23 -25.64 20.21
C GLU A 10 -50.11 -24.24 20.81
N GLU A 11 -49.33 -23.37 20.16
CA GLU A 11 -49.22 -21.96 20.53
C GLU A 11 -49.98 -21.08 19.56
N GLU A 12 -50.12 -19.82 19.95
CA GLU A 12 -50.72 -18.77 19.11
C GLU A 12 -52.19 -19.11 18.81
N LEU A 13 -52.82 -19.86 19.71
CA LEU A 13 -54.19 -20.33 19.55
C LEU A 13 -55.06 -19.52 20.47
N ARG A 14 -56.13 -18.94 19.91
CA ARG A 14 -56.91 -17.94 20.63
C ARG A 14 -57.59 -18.49 21.89
N ALA A 15 -58.00 -17.55 22.74
CA ALA A 15 -58.39 -17.77 24.13
C ALA A 15 -59.42 -18.87 24.34
N GLY A 16 -59.40 -19.46 25.53
CA GLY A 16 -60.41 -20.42 25.93
C GLY A 16 -60.40 -21.75 25.19
N THR A 17 -59.35 -22.02 24.42
CA THR A 17 -59.33 -23.21 23.59
C THR A 17 -59.22 -24.48 24.48
N LYS A 18 -60.20 -25.38 24.34
CA LYS A 18 -60.40 -26.49 25.29
C LYS A 18 -59.39 -27.61 25.11
N ILE A 19 -58.41 -27.68 26.01
CA ILE A 19 -57.31 -28.66 25.90
C ILE A 19 -57.70 -30.06 26.40
N ALA A 20 -58.40 -30.13 27.53
CA ALA A 20 -58.77 -31.42 28.12
C ALA A 20 -59.89 -31.32 29.16
N ASN A 21 -60.72 -32.36 29.22
CA ASN A 21 -61.69 -32.57 30.32
C ASN A 21 -61.05 -33.56 31.30
N VAL A 22 -60.44 -33.03 32.36
CA VAL A 22 -59.58 -33.80 33.23
C VAL A 22 -60.38 -34.63 34.25
N THR A 23 -61.60 -34.18 34.57
CA THR A 23 -62.52 -34.97 35.43
C THR A 23 -62.80 -36.37 34.87
N ALA A 24 -63.00 -36.45 33.55
CA ALA A 24 -63.19 -37.73 32.86
C ALA A 24 -61.89 -38.55 32.77
N ASP A 25 -60.75 -37.88 32.57
CA ASP A 25 -59.43 -38.54 32.57
C ASP A 25 -58.98 -39.03 33.96
N ALA A 26 -59.32 -38.26 34.99
CA ALA A 26 -59.05 -38.64 36.40
C ALA A 26 -59.69 -39.97 36.79
N LYS A 27 -60.79 -40.31 36.13
CA LYS A 27 -61.41 -41.63 36.23
C LYS A 27 -60.60 -42.71 35.53
N VAL A 28 -60.14 -42.44 34.31
CA VAL A 28 -59.64 -43.49 33.41
C VAL A 28 -58.36 -44.23 33.92
N ALA A 29 -57.65 -43.67 34.90
CA ALA A 29 -56.60 -44.39 35.66
C ALA A 29 -56.21 -43.68 36.99
N GLY A 30 -57.17 -43.52 37.91
CA GLY A 30 -56.90 -42.88 39.20
C GLY A 30 -58.09 -42.76 40.15
N PHE A 31 -58.27 -41.58 40.75
CA PHE A 31 -59.27 -41.38 41.81
C PHE A 31 -60.62 -40.92 41.30
N ALA A 32 -61.62 -40.99 42.18
CA ALA A 32 -63.01 -40.73 41.81
C ALA A 32 -63.87 -40.46 43.05
N PRO A 38 -66.30 -28.15 44.68
CA PRO A 38 -65.29 -28.52 43.68
C PRO A 38 -64.82 -29.97 43.87
N TYR A 39 -64.91 -30.81 42.82
CA TYR A 39 -64.29 -32.14 42.84
C TYR A 39 -62.79 -31.99 42.91
N LEU A 40 -62.28 -30.99 42.18
CA LEU A 40 -60.86 -30.65 42.16
C LEU A 40 -60.60 -29.24 42.70
N ARG A 41 -59.52 -29.13 43.46
CA ARG A 41 -59.05 -27.92 44.09
C ARG A 41 -57.69 -27.64 43.47
N VAL A 42 -57.44 -26.42 42.99
CA VAL A 42 -56.13 -26.09 42.38
C VAL A 42 -55.21 -25.40 43.38
N ILE A 43 -53.94 -25.83 43.40
CA ILE A 43 -52.95 -25.35 44.36
C ILE A 43 -51.87 -24.52 43.71
N SER A 44 -51.27 -25.06 42.66
CA SER A 44 -50.08 -24.49 42.03
C SER A 44 -50.09 -24.74 40.52
N ASN A 45 -50.12 -23.65 39.74
CA ASN A 45 -49.90 -23.70 38.29
C ASN A 45 -48.91 -22.60 37.87
N SER A 46 -47.89 -23.01 37.13
CA SER A 46 -46.90 -22.07 36.59
C SER A 46 -47.49 -21.31 35.42
N GLU A 47 -47.31 -20.00 35.44
CA GLU A 47 -47.80 -19.11 34.39
C GLU A 47 -49.33 -19.26 34.24
N PRO A 48 -50.10 -18.77 35.24
CA PRO A 48 -51.56 -18.78 35.15
C PRO A 48 -52.11 -17.76 34.16
N ARG A 49 -51.25 -16.85 33.69
CA ARG A 49 -51.54 -16.02 32.51
C ARG A 49 -52.06 -16.86 31.33
N TRP A 50 -51.45 -18.03 31.13
CA TRP A 50 -51.83 -18.95 30.04
C TRP A 50 -53.04 -19.82 30.31
N VAL A 51 -52.96 -20.63 31.36
CA VAL A 51 -53.92 -21.71 31.57
C VAL A 51 -54.59 -21.56 32.93
N ASN A 52 -55.91 -21.41 32.90
CA ASN A 52 -56.77 -21.58 34.08
C ASN A 52 -57.38 -22.97 33.96
N LEU A 53 -57.84 -23.52 35.09
CA LEU A 53 -58.62 -24.76 35.10
C LEU A 53 -60.06 -24.35 35.39
N SER A 54 -60.98 -25.31 35.45
CA SER A 54 -62.34 -25.05 35.92
C SER A 54 -62.73 -26.10 36.96
N PRO A 55 -63.60 -25.73 37.94
CA PRO A 55 -64.08 -26.74 38.92
C PRO A 55 -64.80 -27.96 38.32
N ALA A 56 -65.37 -27.77 37.11
CA ALA A 56 -65.90 -28.86 36.29
C ALA A 56 -64.84 -29.88 35.81
N GLY A 57 -63.56 -29.63 36.08
CA GLY A 57 -62.47 -30.42 35.52
C GLY A 57 -62.02 -29.98 34.13
N LEU A 58 -62.63 -28.92 33.62
CA LEU A 58 -62.33 -28.44 32.28
C LEU A 58 -61.06 -27.62 32.32
N LEU A 59 -60.12 -28.00 31.46
CA LEU A 59 -58.85 -27.30 31.34
C LEU A 59 -58.85 -26.49 30.06
N ILE A 60 -58.98 -25.17 30.22
CA ILE A 60 -59.06 -24.24 29.10
C ILE A 60 -57.82 -23.34 29.11
N THR A 61 -57.56 -22.71 27.97
CA THR A 61 -56.43 -21.81 27.77
C THR A 61 -56.98 -20.41 28.05
N LYS A 62 -56.11 -19.45 28.34
CA LYS A 62 -56.56 -18.05 28.54
C LYS A 62 -56.32 -17.16 27.31
N GLN A 63 -55.26 -17.43 26.54
CA GLN A 63 -54.85 -16.49 25.49
C GLN A 63 -54.09 -17.13 24.32
N LYS A 64 -53.72 -16.29 23.35
CA LYS A 64 -52.70 -16.63 22.36
C LYS A 64 -51.39 -16.80 23.11
N ILE A 65 -50.74 -17.94 22.90
CA ILE A 65 -49.47 -18.24 23.52
C ILE A 65 -48.34 -17.81 22.56
N ASP A 66 -47.38 -17.03 23.07
CA ASP A 66 -46.15 -16.74 22.34
C ASP A 66 -45.06 -17.66 22.89
N ARG A 67 -45.12 -18.90 22.45
CA ARG A 67 -44.14 -19.93 22.81
C ARG A 67 -42.74 -19.56 22.37
N ASP A 68 -42.64 -18.81 21.29
CA ASP A 68 -41.35 -18.33 20.80
C ASP A 68 -40.74 -17.33 21.75
N ALA A 69 -41.56 -16.44 22.29
CA ALA A 69 -41.09 -15.43 23.22
C ALA A 69 -40.50 -16.05 24.47
N VAL A 70 -41.29 -16.90 25.15
CA VAL A 70 -40.93 -17.40 26.48
C VAL A 70 -39.83 -18.46 26.49
N CYS A 71 -39.65 -19.14 25.36
CA CYS A 71 -38.55 -20.09 25.21
C CYS A 71 -38.25 -20.31 23.72
N ARG A 72 -37.48 -19.39 23.15
CA ARG A 72 -37.09 -19.46 21.75
C ARG A 72 -35.98 -20.49 21.51
N GLN A 73 -36.02 -21.12 20.34
CA GLN A 73 -34.92 -21.94 19.80
C GLN A 73 -34.50 -23.18 20.65
N THR A 74 -35.43 -23.73 21.41
CA THR A 74 -35.16 -24.88 22.30
C THR A 74 -36.19 -25.98 22.02
N PRO A 75 -35.79 -27.28 22.13
CA PRO A 75 -36.78 -28.36 21.98
C PRO A 75 -37.86 -28.33 23.09
N LYS A 76 -38.65 -29.39 23.22
CA LYS A 76 -39.75 -29.48 24.21
C LYS A 76 -39.76 -28.38 25.30
N CYS A 77 -40.70 -27.43 25.21
CA CYS A 77 -40.95 -26.40 26.25
C CYS A 77 -42.36 -26.56 26.81
N PHE A 78 -42.46 -27.16 28.00
CA PHE A 78 -43.75 -27.43 28.64
C PHE A 78 -44.03 -26.53 29.84
N ILE A 79 -45.24 -26.65 30.36
CA ILE A 79 -45.64 -26.05 31.63
C ILE A 79 -46.46 -27.11 32.37
N SER A 80 -46.44 -27.09 33.69
CA SER A 80 -47.14 -28.09 34.49
C SER A 80 -47.76 -27.49 35.73
N LEU A 81 -48.58 -28.29 36.40
CA LEU A 81 -49.38 -27.82 37.55
C LEU A 81 -49.85 -28.99 38.44
N GLU A 82 -50.17 -28.67 39.69
CA GLU A 82 -50.58 -29.67 40.68
C GLU A 82 -51.99 -29.41 41.19
N VAL A 83 -52.77 -30.50 41.27
CA VAL A 83 -54.17 -30.44 41.64
C VAL A 83 -54.47 -31.56 42.63
N MET A 84 -55.36 -31.27 43.59
CA MET A 84 -55.75 -32.20 44.67
C MET A 84 -57.21 -32.63 44.48
N SER A 85 -57.51 -33.90 44.79
CA SER A 85 -58.88 -34.45 44.72
C SER A 85 -59.75 -33.87 45.88
N ASN A 86 -60.96 -34.41 46.11
CA ASN A 86 -61.79 -34.08 47.30
C ASN A 86 -61.02 -34.39 48.62
N SER A 87 -59.99 -33.59 48.91
CA SER A 87 -58.96 -33.88 49.94
C SER A 87 -58.12 -35.17 49.72
N MET A 88 -58.34 -35.89 48.60
CA MET A 88 -57.74 -37.22 48.38
C MET A 88 -56.32 -37.03 47.87
N GLU A 89 -55.73 -38.08 47.28
CA GLU A 89 -54.41 -37.99 46.67
C GLU A 89 -54.39 -37.12 45.41
N ILE A 90 -53.17 -36.75 45.03
CA ILE A 90 -52.90 -35.66 44.10
C ILE A 90 -52.39 -36.19 42.76
N CYS A 91 -52.14 -35.26 41.83
CA CYS A 91 -51.56 -35.59 40.54
C CYS A 91 -50.93 -34.37 39.89
N VAL A 92 -50.09 -34.65 38.91
CA VAL A 92 -49.35 -33.64 38.15
C VAL A 92 -49.81 -33.72 36.71
N ILE A 93 -50.23 -32.59 36.14
CA ILE A 93 -50.53 -32.49 34.71
C ILE A 93 -49.41 -31.68 34.06
N LYS A 94 -48.83 -32.22 33.00
CA LYS A 94 -47.77 -31.53 32.25
C LYS A 94 -48.28 -31.24 30.84
N ILE A 95 -48.14 -29.97 30.41
CA ILE A 95 -48.64 -29.50 29.10
C ILE A 95 -47.55 -28.91 28.20
N GLU A 96 -47.10 -29.69 27.21
CA GLU A 96 -46.08 -29.27 26.23
C GLU A 96 -46.75 -28.44 25.17
N ILE A 97 -46.05 -27.40 24.74
CA ILE A 97 -46.59 -26.40 23.84
C ILE A 97 -45.88 -26.51 22.50
N ILE A 98 -46.48 -27.25 21.55
CA ILE A 98 -45.84 -27.53 20.24
C ILE A 98 -45.64 -26.20 19.48
N ASP A 99 -44.51 -26.08 18.78
CA ASP A 99 -44.11 -24.86 18.12
C ASP A 99 -44.64 -24.80 16.68
N VAL A 100 -45.24 -23.67 16.30
CA VAL A 100 -45.69 -23.43 14.91
C VAL A 100 -44.65 -22.59 14.17
N ASN A 101 -44.65 -22.69 12.84
CA ASN A 101 -43.72 -21.96 11.95
C ASN A 101 -44.11 -20.47 11.74
N ASP A 102 -44.66 -19.82 12.76
CA ASP A 102 -45.31 -18.50 12.60
C ASP A 102 -44.31 -17.36 12.42
N ASN A 103 -43.22 -17.40 13.20
CA ASN A 103 -42.19 -16.35 13.17
C ASN A 103 -41.07 -16.71 12.18
N ALA A 104 -41.06 -16.01 11.05
CA ALA A 104 -40.14 -16.29 9.93
C ALA A 104 -38.81 -15.51 10.07
N PRO A 105 -37.78 -15.89 9.29
CA PRO A 105 -36.48 -15.24 9.43
C PRO A 105 -36.52 -13.72 9.33
N ARG A 106 -35.86 -13.11 10.31
CA ARG A 106 -35.67 -11.67 10.37
C ARG A 106 -34.24 -11.36 10.01
N PHE A 107 -33.99 -10.09 9.71
CA PHE A 107 -32.66 -9.53 9.55
C PHE A 107 -32.65 -8.14 10.14
N PRO A 108 -31.67 -7.84 11.00
CA PRO A 108 -31.82 -6.66 11.85
C PRO A 108 -31.95 -5.29 11.16
N THR A 109 -31.34 -5.11 9.99
CA THR A 109 -31.05 -3.77 9.47
C THR A 109 -31.77 -3.35 8.16
N ASN A 110 -32.42 -4.28 7.47
CA ASN A 110 -32.90 -4.15 6.06
C ASN A 110 -31.80 -4.36 4.98
N HIS A 111 -30.53 -4.07 5.34
CA HIS A 111 -29.30 -4.44 4.57
C HIS A 111 -28.02 -3.91 5.26
N ILE A 112 -26.85 -4.51 4.95
CA ILE A 112 -25.55 -4.07 5.53
C ILE A 112 -24.43 -3.86 4.51
N ASP A 113 -23.77 -2.71 4.64
CA ASP A 113 -22.59 -2.35 3.84
C ASP A 113 -21.34 -2.98 4.44
N ILE A 114 -20.45 -3.48 3.60
CA ILE A 114 -19.13 -3.97 4.02
C ILE A 114 -18.04 -3.63 3.00
N GLU A 115 -16.82 -3.44 3.52
CA GLU A 115 -15.69 -3.00 2.71
C GLU A 115 -14.58 -4.06 2.67
N ILE A 116 -14.00 -4.20 1.49
CA ILE A 116 -12.96 -5.19 1.19
C ILE A 116 -11.90 -4.49 0.37
N SER A 117 -10.64 -4.57 0.78
CA SER A 117 -9.56 -4.09 -0.09
C SER A 117 -9.53 -4.96 -1.32
N GLU A 118 -9.42 -4.32 -2.49
CA GLU A 118 -9.14 -5.08 -3.71
C GLU A 118 -7.84 -5.83 -3.46
N ASN A 119 -7.58 -6.82 -4.30
CA ASN A 119 -6.40 -7.67 -4.14
C ASN A 119 -6.30 -8.23 -2.71
N ALA A 120 -7.45 -8.62 -2.15
CA ALA A 120 -7.49 -9.52 -1.03
C ALA A 120 -7.50 -10.88 -1.68
N ALA A 121 -6.81 -11.84 -1.07
CA ALA A 121 -6.58 -13.16 -1.69
C ALA A 121 -7.87 -13.94 -2.05
N PRO A 122 -7.77 -14.88 -3.01
CA PRO A 122 -8.87 -15.81 -3.20
C PRO A 122 -8.80 -16.82 -2.06
N GLY A 123 -9.81 -16.82 -1.19
CA GLY A 123 -9.80 -17.63 0.04
C GLY A 123 -10.22 -16.85 1.27
N THR A 124 -9.93 -15.54 1.27
CA THR A 124 -10.30 -14.62 2.36
C THR A 124 -11.74 -14.80 2.82
N ARG A 125 -11.97 -14.60 4.11
CA ARG A 125 -13.29 -14.82 4.71
C ARG A 125 -13.73 -13.62 5.51
N PHE A 126 -15.03 -13.51 5.74
CA PHE A 126 -15.63 -12.40 6.45
C PHE A 126 -16.88 -12.83 7.23
N PRO A 127 -16.82 -12.86 8.59
CA PRO A 127 -17.98 -13.27 9.38
C PRO A 127 -18.98 -12.13 9.52
N LEU A 128 -20.26 -12.44 9.28
CA LEU A 128 -21.30 -11.42 9.08
C LEU A 128 -22.64 -11.69 9.77
N GLU A 129 -22.68 -12.71 10.61
CA GLU A 129 -23.93 -13.39 10.96
C GLU A 129 -25.00 -12.41 11.46
N GLY A 130 -26.24 -12.65 11.02
CA GLY A 130 -27.38 -11.91 11.53
C GLY A 130 -28.67 -12.52 11.03
N ALA A 131 -29.51 -12.98 11.95
CA ALA A 131 -30.91 -13.34 11.65
C ALA A 131 -31.67 -13.64 12.95
N SER A 132 -32.97 -13.90 12.83
CA SER A 132 -33.73 -14.36 13.99
C SER A 132 -34.96 -15.11 13.53
N ASP A 133 -35.00 -16.39 13.89
CA ASP A 133 -36.15 -17.26 13.67
C ASP A 133 -36.45 -17.90 15.02
N PRO A 134 -37.20 -17.20 15.89
CA PRO A 134 -37.50 -17.62 17.27
C PRO A 134 -38.01 -19.06 17.44
N ASP A 135 -38.69 -19.56 16.41
CA ASP A 135 -39.10 -20.96 16.34
C ASP A 135 -37.92 -21.91 16.54
N SER A 136 -38.21 -23.11 17.06
CA SER A 136 -37.19 -24.06 17.48
C SER A 136 -37.17 -25.35 16.67
N GLY A 137 -36.00 -25.97 16.59
CA GLY A 137 -35.81 -27.28 15.96
C GLY A 137 -35.72 -27.21 14.44
N SER A 138 -36.51 -28.03 13.76
CA SER A 138 -36.70 -27.95 12.30
C SER A 138 -37.27 -26.60 11.87
N ASN A 139 -38.15 -26.02 12.69
CA ASN A 139 -38.79 -24.74 12.39
C ASN A 139 -37.90 -23.50 12.56
N GLY A 140 -36.67 -23.65 13.08
CA GLY A 140 -35.72 -22.54 13.16
C GLY A 140 -35.01 -22.26 11.84
N ILE A 141 -33.99 -21.39 11.89
CA ILE A 141 -33.09 -21.10 10.74
C ILE A 141 -32.28 -22.34 10.38
N GLN A 142 -32.07 -22.58 9.09
CA GLN A 142 -31.21 -23.69 8.64
C GLN A 142 -30.23 -23.39 7.49
N THR A 143 -30.58 -22.52 6.55
CA THR A 143 -29.61 -22.13 5.52
C THR A 143 -29.73 -20.68 5.07
N TYR A 144 -28.58 -20.01 5.03
CA TYR A 144 -28.42 -18.72 4.37
C TYR A 144 -27.90 -19.01 2.96
N THR A 145 -28.18 -18.11 2.01
CA THR A 145 -27.61 -18.24 0.66
C THR A 145 -27.60 -16.93 -0.17
N ILE A 146 -26.48 -16.68 -0.88
CA ILE A 146 -26.32 -15.51 -1.80
C ILE A 146 -26.99 -15.74 -3.13
N THR A 147 -27.25 -14.63 -3.83
CA THR A 147 -27.59 -14.65 -5.24
C THR A 147 -26.38 -15.21 -6.00
N PRO A 148 -26.41 -16.50 -6.44
CA PRO A 148 -25.19 -17.19 -6.94
C PRO A 148 -24.45 -16.44 -8.05
N ASN A 149 -23.13 -16.41 -7.93
CA ASN A 149 -22.27 -15.70 -8.85
C ASN A 149 -20.90 -16.38 -8.93
N ASP A 150 -20.06 -15.90 -9.85
CA ASP A 150 -18.76 -16.53 -10.14
C ASP A 150 -17.58 -15.87 -9.42
N ILE A 151 -17.83 -14.93 -8.51
CA ILE A 151 -16.76 -14.21 -7.79
C ILE A 151 -16.86 -14.28 -6.24
N PHE A 152 -18.06 -14.56 -5.71
CA PHE A 152 -18.29 -14.60 -4.26
C PHE A 152 -19.17 -15.78 -3.88
N GLY A 153 -18.65 -16.64 -3.00
CA GLY A 153 -19.37 -17.83 -2.52
C GLY A 153 -19.83 -17.66 -1.08
N LEU A 154 -20.20 -18.79 -0.45
CA LEU A 154 -20.67 -18.77 0.93
C LEU A 154 -20.39 -20.07 1.70
N GLU A 155 -20.03 -19.90 2.96
CA GLU A 155 -19.80 -20.99 3.90
C GLU A 155 -20.76 -20.81 5.07
N ILE A 156 -21.79 -21.64 5.13
CA ILE A 156 -22.49 -21.86 6.40
C ILE A 156 -21.54 -22.71 7.25
N LYS A 157 -21.34 -22.32 8.51
CA LYS A 157 -20.61 -23.14 9.49
C LYS A 157 -21.60 -23.50 10.58
N THR A 158 -21.84 -24.79 10.76
CA THR A 158 -22.89 -25.26 11.67
C THR A 158 -22.33 -25.33 13.10
N ARG A 159 -22.99 -24.61 14.02
CA ARG A 159 -22.55 -24.50 15.44
C ARG A 159 -22.88 -25.78 16.22
N GLY A 160 -22.21 -25.95 17.37
CA GLY A 160 -22.50 -27.05 18.30
C GLY A 160 -23.95 -27.12 18.80
N ASP A 161 -24.58 -25.95 18.98
CA ASP A 161 -25.97 -25.84 19.41
C ASP A 161 -26.93 -26.41 18.34
N GLY A 162 -26.75 -25.96 17.10
CA GLY A 162 -27.73 -26.12 16.04
C GLY A 162 -27.80 -24.88 15.19
N SER A 163 -27.57 -23.72 15.83
CA SER A 163 -27.56 -22.39 15.20
C SER A 163 -26.62 -22.29 13.99
N LYS A 164 -27.18 -22.15 12.79
CA LYS A 164 -26.39 -22.11 11.57
C LYS A 164 -25.89 -20.70 11.35
N ILE A 165 -24.60 -20.51 11.63
CA ILE A 165 -23.92 -19.24 11.39
C ILE A 165 -23.32 -19.33 10.00
N ALA A 166 -23.19 -18.20 9.32
CA ALA A 166 -22.56 -18.16 8.01
C ALA A 166 -21.53 -17.07 7.90
N GLU A 167 -20.68 -17.22 6.90
CA GLU A 167 -19.62 -16.27 6.63
C GLU A 167 -19.24 -16.24 5.14
N LEU A 168 -18.70 -15.10 4.73
CA LEU A 168 -18.55 -14.72 3.33
C LEU A 168 -17.15 -14.98 2.78
N VAL A 169 -17.04 -16.05 2.00
CA VAL A 169 -15.77 -16.40 1.34
C VAL A 169 -15.59 -15.60 0.05
N VAL A 170 -14.34 -15.32 -0.29
CA VAL A 170 -13.97 -14.59 -1.52
C VAL A 170 -13.34 -15.59 -2.48
N GLU A 171 -14.12 -16.07 -3.44
CA GLU A 171 -13.67 -17.19 -4.29
C GLU A 171 -12.58 -16.76 -5.29
N LYS A 172 -12.87 -15.82 -6.19
CA LYS A 172 -11.95 -15.44 -7.28
C LYS A 172 -11.17 -14.18 -7.00
N THR A 173 -10.09 -13.99 -7.76
CA THR A 173 -9.20 -12.83 -7.60
C THR A 173 -9.90 -11.48 -7.86
N LEU A 174 -9.56 -10.46 -7.07
CA LEU A 174 -10.27 -9.17 -7.08
C LEU A 174 -9.55 -8.04 -7.80
N ASP A 175 -10.33 -7.03 -8.21
CA ASP A 175 -9.86 -5.93 -9.05
C ASP A 175 -10.87 -4.76 -9.01
N ARG A 176 -10.38 -3.56 -8.67
CA ARG A 176 -11.22 -2.35 -8.54
C ARG A 176 -11.31 -1.55 -9.82
N GLU A 177 -10.27 -1.64 -10.63
CA GLU A 177 -10.26 -0.97 -11.91
C GLU A 177 -11.34 -1.58 -12.80
N THR A 178 -11.59 -2.89 -12.65
CA THR A 178 -12.69 -3.57 -13.34
C THR A 178 -14.04 -3.27 -12.66
N GLN A 179 -14.32 -3.91 -11.52
CA GLN A 179 -15.57 -3.70 -10.77
C GLN A 179 -15.32 -2.98 -9.43
N SER A 180 -15.86 -1.76 -9.28
CA SER A 180 -15.62 -0.92 -8.07
C SER A 180 -16.67 -1.08 -6.95
N ARG A 181 -17.81 -1.71 -7.27
CA ARG A 181 -18.69 -2.29 -6.22
C ARG A 181 -19.56 -3.41 -6.77
N TYR A 182 -19.95 -4.30 -5.86
CA TYR A 182 -20.89 -5.37 -6.14
C TYR A 182 -22.10 -5.17 -5.26
N THR A 183 -23.21 -5.80 -5.65
CA THR A 183 -24.43 -5.82 -4.87
C THR A 183 -25.06 -7.21 -4.99
N PHE A 184 -25.46 -7.80 -3.87
CA PHE A 184 -26.09 -9.14 -3.87
C PHE A 184 -27.31 -9.20 -2.95
N GLU A 185 -28.19 -10.17 -3.19
CA GLU A 185 -29.32 -10.48 -2.30
C GLU A 185 -28.95 -11.68 -1.45
N LEU A 186 -29.01 -11.50 -0.13
CA LEU A 186 -28.69 -12.56 0.82
C LEU A 186 -30.00 -12.99 1.47
N THR A 187 -30.39 -14.25 1.23
CA THR A 187 -31.62 -14.82 1.79
C THR A 187 -31.27 -15.67 3.02
N ALA A 188 -32.28 -15.89 3.88
CA ALA A 188 -32.15 -16.77 5.05
C ALA A 188 -33.42 -17.59 5.18
N GLU A 189 -33.27 -18.91 5.25
CA GLU A 189 -34.40 -19.83 5.17
C GLU A 189 -34.81 -20.49 6.48
N ASP A 190 -36.02 -21.07 6.45
CA ASP A 190 -36.65 -21.71 7.60
C ASP A 190 -36.35 -23.22 7.54
N GLY A 191 -37.16 -24.03 8.22
CA GLY A 191 -37.23 -25.46 7.90
C GLY A 191 -38.57 -26.09 8.20
N GLY A 192 -39.65 -25.34 7.96
CA GLY A 192 -41.03 -25.83 8.09
C GLY A 192 -41.54 -26.34 6.75
N ASP A 193 -42.66 -27.07 6.76
CA ASP A 193 -43.25 -27.66 5.52
C ASP A 193 -43.49 -26.62 4.42
N PRO A 194 -43.93 -25.41 4.81
CA PRO A 194 -43.83 -24.23 3.96
C PRO A 194 -42.71 -23.30 4.45
N PRO A 195 -41.43 -23.63 4.16
CA PRO A 195 -40.33 -22.91 4.81
C PRO A 195 -40.31 -21.42 4.43
N LYS A 196 -40.50 -20.56 5.42
CA LYS A 196 -40.56 -19.11 5.25
C LYS A 196 -39.17 -18.50 5.18
N SER A 197 -39.10 -17.22 4.81
CA SER A 197 -37.82 -16.51 4.65
C SER A 197 -38.01 -15.02 4.34
N GLY A 198 -37.40 -14.17 5.15
CA GLY A 198 -37.10 -12.80 4.78
C GLY A 198 -35.75 -12.79 4.08
N THR A 199 -35.33 -11.62 3.59
CA THR A 199 -34.01 -11.46 2.98
C THR A 199 -33.42 -10.08 3.28
N VAL A 200 -32.13 -9.93 2.97
CA VAL A 200 -31.49 -8.61 2.88
C VAL A 200 -30.55 -8.47 1.69
N GLN A 201 -30.43 -7.21 1.26
CA GLN A 201 -29.46 -6.80 0.27
C GLN A 201 -28.11 -6.73 0.97
N LEU A 202 -27.05 -6.93 0.19
CA LEU A 202 -25.69 -6.90 0.69
C LEU A 202 -24.88 -6.02 -0.25
N ASN A 203 -24.36 -4.93 0.28
CA ASN A 203 -23.51 -4.05 -0.49
C ASN A 203 -22.07 -4.31 -0.17
N ILE A 204 -21.32 -4.76 -1.17
CA ILE A 204 -19.87 -4.87 -1.09
C ILE A 204 -19.27 -3.61 -1.74
N LYS A 205 -18.11 -3.20 -1.26
CA LYS A 205 -17.39 -2.04 -1.78
C LYS A 205 -15.92 -2.38 -1.90
N VAL A 206 -15.39 -2.37 -3.12
CA VAL A 206 -14.03 -2.83 -3.38
C VAL A 206 -13.04 -1.66 -3.31
N ILE A 207 -12.23 -1.61 -2.25
CA ILE A 207 -11.38 -0.41 -1.97
C ILE A 207 -10.08 -0.37 -2.77
N ASP A 208 -9.63 0.84 -3.06
CA ASP A 208 -8.48 1.05 -3.90
C ASP A 208 -7.14 0.72 -3.26
N SER A 209 -6.52 -0.33 -3.78
CA SER A 209 -5.14 -0.67 -3.51
C SER A 209 -4.35 0.00 -4.60
N ASN A 210 -3.23 0.60 -4.24
CA ASN A 210 -2.38 1.33 -5.17
C ASN A 210 -1.66 0.37 -6.11
N ASP A 211 -2.42 -0.40 -6.88
CA ASP A 211 -1.87 -1.59 -7.53
C ASP A 211 -1.26 -1.35 -8.92
N ASN A 212 -1.52 -0.18 -9.52
CA ASN A 212 -0.86 0.20 -10.78
C ASN A 212 0.15 1.28 -10.49
N ASN A 213 1.10 1.42 -11.40
CA ASN A 213 2.04 2.50 -11.32
C ASN A 213 2.06 3.33 -12.58
N PRO A 214 2.53 4.59 -12.46
CA PRO A 214 2.56 5.47 -13.63
C PRO A 214 3.20 4.81 -14.83
N VAL A 215 2.57 4.99 -15.98
CA VAL A 215 3.08 4.48 -17.25
C VAL A 215 3.27 5.65 -18.22
N PHE A 216 4.43 5.72 -18.87
CA PHE A 216 4.72 6.71 -19.92
C PHE A 216 4.40 6.15 -21.34
N ASP A 217 4.03 7.05 -22.26
CA ASP A 217 3.57 6.66 -23.63
C ASP A 217 4.70 5.94 -24.37
N GLU A 218 5.88 6.56 -24.35
CA GLU A 218 7.14 5.96 -24.83
C GLU A 218 8.25 6.32 -23.85
N PRO A 219 9.31 5.51 -23.80
CA PRO A 219 10.38 5.73 -22.83
C PRO A 219 11.30 6.90 -23.16
N VAL A 220 11.31 7.32 -24.42
CA VAL A 220 12.15 8.42 -24.89
C VAL A 220 11.33 9.36 -25.79
N TYR A 221 11.37 10.65 -25.49
CA TYR A 221 10.76 11.69 -26.32
C TYR A 221 11.83 12.60 -26.91
N THR A 222 11.67 13.00 -28.17
CA THR A 222 12.75 13.66 -28.93
C THR A 222 12.23 14.90 -29.65
N VAL A 223 12.16 16.02 -28.95
CA VAL A 223 11.58 17.26 -29.50
C VAL A 223 12.63 18.30 -29.91
N ASN A 224 12.29 19.18 -30.85
CA ASN A 224 13.15 20.33 -31.28
C ASN A 224 12.69 21.67 -30.67
N VAL A 225 13.61 22.49 -30.18
CA VAL A 225 13.31 23.85 -29.72
C VAL A 225 14.43 24.82 -30.11
N LEU A 226 14.07 26.08 -30.37
CA LEU A 226 15.01 27.09 -30.92
C LEU A 226 15.79 27.79 -29.81
N GLU A 227 17.03 28.17 -30.13
CA GLU A 227 17.89 28.82 -29.14
C GLU A 227 17.41 30.23 -28.83
N ASN A 228 18.03 30.82 -27.82
CA ASN A 228 17.64 32.12 -27.27
C ASN A 228 16.12 32.28 -27.22
N SER A 229 15.44 31.17 -26.89
CA SER A 229 13.96 31.12 -26.86
C SER A 229 13.47 31.94 -25.66
N PRO A 230 12.20 32.38 -25.72
CA PRO A 230 11.65 33.09 -24.56
C PRO A 230 11.48 32.16 -23.35
N ILE A 231 11.63 32.71 -22.14
CA ILE A 231 11.42 31.96 -20.89
C ILE A 231 9.95 31.65 -20.82
N ASN A 232 9.60 30.51 -20.25
CA ASN A 232 8.22 30.01 -20.23
C ASN A 232 7.67 29.54 -21.59
N THR A 233 8.50 29.45 -22.65
CA THR A 233 8.06 28.76 -23.87
C THR A 233 8.04 27.27 -23.64
N LEU A 234 7.22 26.61 -24.44
CA LEU A 234 6.88 25.24 -24.22
C LEU A 234 8.04 24.38 -24.66
N VAL A 235 8.09 23.14 -24.16
CA VAL A 235 9.02 22.12 -24.65
C VAL A 235 8.30 20.81 -24.91
N ILE A 236 7.63 20.29 -23.87
CA ILE A 236 6.74 19.15 -24.03
C ILE A 236 5.84 18.99 -22.81
N ASP A 237 4.57 18.69 -23.08
CA ASP A 237 3.63 18.20 -22.07
C ASP A 237 3.75 16.69 -22.05
N LEU A 238 4.32 16.17 -20.98
CA LEU A 238 4.40 14.74 -20.74
C LEU A 238 3.13 14.23 -20.09
N ASN A 239 2.98 12.91 -20.16
CA ASN A 239 1.88 12.25 -19.50
C ASN A 239 2.24 10.84 -19.06
N ALA A 240 1.94 10.55 -17.79
CA ALA A 240 2.02 9.24 -17.18
C ALA A 240 0.63 8.82 -16.64
N THR A 241 0.15 7.63 -17.01
CA THR A 241 -1.22 7.19 -16.69
C THR A 241 -1.34 6.34 -15.43
N ASP A 242 -2.32 6.64 -14.58
CA ASP A 242 -2.60 5.81 -13.42
C ASP A 242 -4.12 5.52 -13.26
N PRO A 243 -4.53 4.24 -13.40
CA PRO A 243 -5.91 3.82 -13.11
C PRO A 243 -6.38 3.92 -11.65
N ASP A 244 -5.47 4.13 -10.72
CA ASP A 244 -5.81 4.07 -9.29
C ASP A 244 -6.62 5.28 -8.84
N GLU A 245 -7.21 5.17 -7.66
CA GLU A 245 -8.14 6.15 -7.14
C GLU A 245 -7.32 7.32 -6.62
N GLY A 246 -7.89 8.51 -6.76
CA GLY A 246 -7.36 9.75 -6.20
C GLY A 246 -5.85 9.81 -6.01
N THR A 247 -5.42 9.82 -4.75
CA THR A 247 -4.00 9.99 -4.40
C THR A 247 -3.17 8.78 -4.84
N ASN A 248 -3.79 7.60 -4.81
CA ASN A 248 -3.15 6.38 -5.31
C ASN A 248 -3.01 6.42 -6.84
N GLY A 249 -3.75 7.30 -7.51
CA GLY A 249 -3.54 7.60 -8.94
C GLY A 249 -3.07 9.01 -9.35
N GLU A 250 -2.80 9.88 -8.38
CA GLU A 250 -2.43 11.27 -8.67
C GLU A 250 -0.94 11.33 -8.96
N VAL A 251 -0.55 11.13 -10.22
CA VAL A 251 0.87 11.25 -10.64
C VAL A 251 1.44 12.63 -10.39
N VAL A 252 2.73 12.69 -10.07
CA VAL A 252 3.43 13.96 -9.91
C VAL A 252 4.85 13.85 -10.45
N TYR A 253 5.27 14.85 -11.22
CA TYR A 253 6.48 14.78 -12.08
C TYR A 253 7.69 15.56 -11.52
N SER A 254 8.89 15.13 -11.93
CA SER A 254 10.14 15.69 -11.42
C SER A 254 11.37 15.33 -12.25
N PHE A 255 12.34 16.24 -12.29
CA PHE A 255 13.69 15.93 -12.77
C PHE A 255 14.42 15.31 -11.59
N ILE A 256 15.41 14.45 -11.84
CA ILE A 256 15.91 13.53 -10.80
C ILE A 256 17.40 13.56 -10.49
N ASN A 257 18.24 13.50 -11.53
CA ASN A 257 19.69 13.51 -11.35
C ASN A 257 20.15 14.95 -11.29
N PHE A 258 21.45 15.11 -11.05
CA PHE A 258 22.09 16.41 -11.24
C PHE A 258 21.81 16.91 -12.68
N VAL A 259 21.76 15.96 -13.62
CA VAL A 259 21.36 16.14 -15.04
C VAL A 259 22.03 17.32 -15.78
N SER A 260 23.30 17.62 -15.46
CA SER A 260 23.98 18.89 -15.85
C SER A 260 23.24 20.09 -15.25
N ASN A 261 23.77 20.65 -14.15
CA ASN A 261 23.14 21.79 -13.46
C ASN A 261 22.56 22.89 -14.38
N LEU A 262 23.06 22.98 -15.62
CA LEU A 262 22.33 23.66 -16.72
C LEU A 262 20.85 23.29 -16.74
N THR A 263 20.61 22.00 -17.04
CA THR A 263 19.26 21.43 -17.16
C THR A 263 18.31 21.82 -16.05
N LYS A 264 18.86 21.89 -14.84
CA LYS A 264 18.09 22.43 -13.72
C LYS A 264 17.56 23.86 -13.97
N GLN A 265 18.41 24.79 -14.40
CA GLN A 265 18.00 26.20 -14.57
C GLN A 265 17.77 26.65 -16.01
N MET A 266 17.97 25.74 -16.96
CA MET A 266 17.51 25.92 -18.34
C MET A 266 16.06 25.48 -18.51
N PHE A 267 15.58 24.63 -17.60
CA PHE A 267 14.26 24.07 -17.72
C PHE A 267 13.55 24.00 -16.40
N LYS A 268 12.24 24.21 -16.46
CA LYS A 268 11.36 24.13 -15.33
C LYS A 268 10.47 22.93 -15.63
N ILE A 269 9.76 22.45 -14.61
CA ILE A 269 8.75 21.40 -14.79
C ILE A 269 7.55 21.66 -13.86
N ASP A 270 6.34 21.56 -14.41
CA ASP A 270 5.12 21.58 -13.60
C ASP A 270 4.95 20.19 -13.02
N PRO A 271 4.92 20.09 -11.68
CA PRO A 271 4.81 18.78 -11.07
C PRO A 271 3.44 18.14 -11.25
N LYS A 272 2.36 18.91 -11.20
CA LYS A 272 1.03 18.31 -11.22
C LYS A 272 0.56 17.88 -12.59
N THR A 273 1.19 18.41 -13.66
CA THR A 273 0.72 18.12 -15.03
C THR A 273 1.74 17.72 -16.09
N GLY A 274 3.03 17.83 -15.79
CA GLY A 274 4.05 17.24 -16.67
C GLY A 274 4.41 18.06 -17.88
N VAL A 275 4.28 19.38 -17.77
CA VAL A 275 4.70 20.31 -18.81
C VAL A 275 6.13 20.74 -18.51
N ILE A 276 7.05 20.37 -19.40
CA ILE A 276 8.41 20.86 -19.30
C ILE A 276 8.41 22.19 -20.00
N THR A 277 8.77 23.21 -19.25
CA THR A 277 8.80 24.59 -19.71
C THR A 277 10.26 24.93 -19.94
N VAL A 278 10.54 25.98 -20.70
CA VAL A 278 11.88 26.60 -20.74
C VAL A 278 11.98 27.50 -19.49
N ASN A 279 13.20 27.73 -19.00
CA ASN A 279 13.43 28.59 -17.82
C ASN A 279 14.82 29.26 -17.79
N GLY A 280 15.35 29.56 -18.98
CA GLY A 280 16.71 30.07 -19.13
C GLY A 280 17.11 30.34 -20.58
N VAL A 281 18.25 30.99 -20.76
CA VAL A 281 18.73 31.37 -22.08
C VAL A 281 19.33 30.12 -22.72
N LEU A 282 18.55 29.44 -23.56
CA LEU A 282 19.06 28.29 -24.34
C LEU A 282 20.10 28.76 -25.34
N ASP A 283 21.15 27.97 -25.49
CA ASP A 283 22.19 28.33 -26.42
C ASP A 283 22.69 27.08 -27.13
N HIS A 284 22.69 27.17 -28.47
CA HIS A 284 23.34 26.20 -29.33
C HIS A 284 24.84 26.27 -29.09
N GLU A 285 25.36 27.50 -29.00
CA GLU A 285 26.81 27.76 -28.88
C GLU A 285 27.35 27.68 -27.44
N GLU A 286 26.47 27.31 -26.51
CA GLU A 286 26.85 26.72 -25.25
C GLU A 286 26.75 25.21 -25.44
N LEU A 287 25.58 24.70 -25.82
CA LEU A 287 25.36 23.24 -25.99
C LEU A 287 24.26 22.92 -26.98
N HIS A 288 24.55 21.98 -27.88
CA HIS A 288 23.67 21.70 -29.01
C HIS A 288 22.53 20.67 -28.79
N ILE A 289 22.62 19.78 -27.78
CA ILE A 289 21.47 18.92 -27.37
C ILE A 289 21.37 18.77 -25.85
N HIS A 290 20.15 18.64 -25.35
CA HIS A 290 19.86 18.41 -23.92
C HIS A 290 19.16 17.05 -23.72
N GLU A 291 19.44 16.37 -22.59
CA GLU A 291 18.75 15.11 -22.22
C GLU A 291 18.32 15.23 -20.77
N ILE A 292 17.02 15.06 -20.51
CA ILE A 292 16.48 15.26 -19.16
C ILE A 292 15.81 13.98 -18.69
N ASP A 293 16.15 13.55 -17.49
CA ASP A 293 15.58 12.36 -16.93
C ASP A 293 14.42 12.78 -16.08
N VAL A 294 13.24 12.28 -16.42
CA VAL A 294 11.98 12.66 -15.77
C VAL A 294 11.37 11.46 -15.06
N GLN A 295 11.11 11.61 -13.78
CA GLN A 295 10.40 10.61 -12.99
C GLN A 295 8.95 11.03 -12.93
N ALA A 296 8.08 10.08 -12.65
CA ALA A 296 6.71 10.41 -12.25
C ALA A 296 6.11 9.30 -11.39
N LYS A 297 5.85 9.60 -10.11
CA LYS A 297 5.30 8.62 -9.15
C LYS A 297 3.92 9.06 -8.72
N ASP A 298 3.12 8.09 -8.28
CA ASP A 298 1.82 8.37 -7.64
C ASP A 298 2.01 8.92 -6.24
N LEU A 299 0.96 9.49 -5.67
CA LEU A 299 1.04 9.94 -4.27
C LEU A 299 0.73 8.81 -3.28
N GLY A 300 0.31 7.65 -3.76
CA GLY A 300 -0.01 6.52 -2.89
C GLY A 300 1.18 5.86 -2.20
N PRO A 301 0.92 4.77 -1.47
CA PRO A 301 1.93 3.95 -0.80
C PRO A 301 2.40 2.79 -1.68
N ASN A 302 3.61 2.31 -1.40
CA ASN A 302 4.33 1.35 -2.26
C ASN A 302 4.48 1.91 -3.67
N SER A 303 4.82 3.20 -3.77
CA SER A 303 5.03 3.85 -5.08
C SER A 303 6.16 3.15 -5.84
N ILE A 304 5.96 2.97 -7.13
CA ILE A 304 7.03 2.52 -8.00
C ILE A 304 7.12 3.56 -9.11
N PRO A 305 8.00 4.57 -8.94
CA PRO A 305 8.13 5.58 -9.96
C PRO A 305 8.52 4.98 -11.31
N ALA A 306 7.88 5.47 -12.37
CA ALA A 306 8.31 5.22 -13.73
C ALA A 306 8.98 6.47 -14.25
N HIS A 307 9.75 6.31 -15.32
CA HIS A 307 10.59 7.37 -15.83
C HIS A 307 10.58 7.46 -17.35
N CYS A 308 11.24 8.50 -17.83
CA CYS A 308 11.54 8.67 -19.23
C CYS A 308 12.68 9.64 -19.40
N LYS A 309 13.19 9.67 -20.62
CA LYS A 309 14.27 10.53 -21.01
C LYS A 309 13.75 11.41 -22.13
N VAL A 310 14.01 12.72 -22.02
CA VAL A 310 13.53 13.67 -23.02
C VAL A 310 14.69 14.47 -23.64
N ILE A 311 14.88 14.24 -24.93
CA ILE A 311 16.00 14.74 -25.70
C ILE A 311 15.51 16.00 -26.38
N VAL A 312 16.15 17.12 -26.05
CA VAL A 312 15.82 18.43 -26.63
C VAL A 312 16.94 18.88 -27.59
N ASN A 313 16.73 18.67 -28.89
CA ASN A 313 17.67 19.11 -29.92
C ASN A 313 17.48 20.61 -30.11
N VAL A 314 18.45 21.42 -29.63
CA VAL A 314 18.34 22.89 -29.68
C VAL A 314 18.84 23.48 -31.01
N ILE A 315 18.01 24.30 -31.64
CA ILE A 315 18.21 24.70 -33.02
C ILE A 315 18.93 26.05 -33.12
N ASP A 316 19.86 26.10 -34.08
CA ASP A 316 20.71 27.24 -34.30
C ASP A 316 19.93 28.34 -34.94
N ILE A 317 19.88 29.50 -34.30
CA ILE A 317 19.42 30.72 -34.95
C ILE A 317 20.65 31.59 -35.20
N ASN A 318 20.58 32.43 -36.23
CA ASN A 318 21.71 33.30 -36.58
C ASN A 318 21.81 34.48 -35.59
N ASP A 319 22.34 34.17 -34.39
CA ASP A 319 22.43 35.13 -33.27
C ASP A 319 23.86 35.57 -32.95
N ASN A 320 24.77 35.35 -33.91
CA ASN A 320 26.14 35.82 -33.80
C ASN A 320 26.55 36.42 -35.13
N ALA A 321 27.09 37.63 -35.09
CA ALA A 321 27.60 38.29 -36.27
C ALA A 321 28.81 37.51 -36.77
N PRO A 322 29.41 37.95 -37.89
CA PRO A 322 30.76 37.47 -38.23
C PRO A 322 31.83 38.22 -37.45
N GLU A 323 33.08 37.79 -37.63
CA GLU A 323 34.20 38.39 -36.96
C GLU A 323 35.41 38.36 -37.87
N ILE A 324 36.04 39.52 -38.01
CA ILE A 324 37.14 39.72 -38.94
C ILE A 324 38.37 40.14 -38.14
N LYS A 325 39.29 39.20 -37.99
CA LYS A 325 40.58 39.44 -37.36
C LYS A 325 41.62 39.65 -38.45
N LEU A 326 42.52 40.61 -38.24
CA LEU A 326 43.67 40.85 -39.12
C LEU A 326 44.98 40.33 -38.50
N LEU A 327 45.71 39.52 -39.24
CA LEU A 327 46.87 38.78 -38.73
C LEU A 327 48.20 39.44 -39.12
N SER A 328 48.74 40.27 -38.22
CA SER A 328 50.06 40.90 -38.41
C SER A 328 50.55 41.59 -37.14
N GLU A 329 51.81 42.02 -37.16
CA GLU A 329 52.31 43.02 -36.20
C GLU A 329 51.69 44.35 -36.58
N ASN A 330 51.08 45.01 -35.61
CA ASN A 330 50.21 46.16 -35.86
C ASN A 330 48.98 45.66 -36.62
N SER A 331 47.94 45.34 -35.87
CA SER A 331 46.67 44.89 -36.43
C SER A 331 45.69 46.05 -36.68
N GLU A 332 46.21 47.27 -36.71
CA GLU A 332 45.47 48.44 -37.19
C GLU A 332 46.04 49.00 -38.52
N MET A 333 47.17 48.46 -38.99
CA MET A 333 47.92 49.01 -40.13
C MET A 333 49.02 48.05 -40.61
N VAL A 334 49.31 48.09 -41.90
CA VAL A 334 50.36 47.26 -42.54
C VAL A 334 51.01 48.02 -43.71
N GLU A 335 51.98 47.42 -44.41
CA GLU A 335 52.70 48.11 -45.52
C GLU A 335 53.34 47.16 -46.57
N VAL A 336 53.46 47.63 -47.82
CA VAL A 336 54.17 46.90 -48.91
C VAL A 336 54.83 47.83 -49.91
N SER A 337 55.74 47.31 -50.74
CA SER A 337 56.59 48.16 -51.59
C SER A 337 55.88 48.82 -52.78
N GLU A 338 56.52 49.87 -53.31
CA GLU A 338 56.12 50.56 -54.54
C GLU A 338 56.29 49.62 -55.72
N ASN A 339 57.39 48.86 -55.67
CA ASN A 339 57.72 47.85 -56.67
C ASN A 339 57.23 46.45 -56.23
N ALA A 340 56.06 46.38 -55.60
CA ALA A 340 55.50 45.12 -55.12
C ALA A 340 54.85 44.40 -56.30
N PRO A 341 55.26 43.13 -56.57
CA PRO A 341 54.79 42.46 -57.78
C PRO A 341 53.38 41.84 -57.68
N LEU A 342 52.95 41.26 -58.79
CA LEU A 342 51.75 40.42 -58.91
C LEU A 342 51.49 39.47 -57.73
N GLY A 343 50.55 39.86 -56.86
CA GLY A 343 50.11 39.03 -55.75
C GLY A 343 51.09 38.85 -54.59
N TYR A 344 51.73 39.95 -54.18
CA TYR A 344 52.53 39.96 -52.96
C TYR A 344 51.54 39.83 -51.81
N VAL A 345 51.61 38.71 -51.09
CA VAL A 345 50.70 38.41 -50.00
C VAL A 345 51.07 39.38 -48.89
N ILE A 346 50.21 40.36 -48.63
CA ILE A 346 50.52 41.41 -47.64
C ILE A 346 50.09 40.95 -46.23
N ALA A 347 48.95 40.25 -46.12
CA ALA A 347 48.49 39.65 -44.85
C ALA A 347 47.39 38.57 -45.03
N LEU A 348 47.18 37.75 -43.99
CA LEU A 348 46.05 36.81 -43.90
C LEU A 348 44.95 37.42 -43.03
N VAL A 349 43.74 36.87 -43.12
CA VAL A 349 42.62 37.30 -42.26
C VAL A 349 41.66 36.14 -41.93
N ARG A 350 40.95 36.26 -40.80
CA ARG A 350 40.02 35.21 -40.33
C ARG A 350 38.56 35.53 -40.60
N VAL A 351 37.95 34.71 -41.45
CA VAL A 351 36.51 34.79 -41.74
C VAL A 351 35.77 33.83 -40.81
N SER A 352 35.43 34.36 -39.65
CA SER A 352 35.14 33.56 -38.49
C SER A 352 33.69 33.75 -38.04
N ASP A 353 32.95 32.64 -37.93
CA ASP A 353 31.56 32.66 -37.43
C ASP A 353 31.27 31.47 -36.50
N ASN A 354 30.50 31.75 -35.46
CA ASN A 354 30.19 30.78 -34.38
C ASN A 354 29.01 29.87 -34.74
N ASP A 355 28.04 30.42 -35.46
CA ASP A 355 26.78 29.73 -35.73
C ASP A 355 26.96 28.54 -36.67
N SER A 356 26.01 27.62 -36.61
CA SER A 356 26.05 26.39 -37.42
C SER A 356 25.81 26.61 -38.91
N GLY A 357 26.79 26.15 -39.69
CA GLY A 357 26.63 25.79 -41.09
C GLY A 357 26.11 26.91 -41.97
N ALA A 358 24.83 26.78 -42.35
CA ALA A 358 24.16 27.78 -43.17
C ALA A 358 24.36 29.16 -42.55
N ASN A 359 23.96 29.29 -41.29
CA ASN A 359 23.86 30.59 -40.61
C ASN A 359 25.20 31.13 -40.14
N GLY A 360 26.27 30.36 -40.34
CA GLY A 360 27.63 30.85 -40.13
C GLY A 360 28.57 30.45 -41.25
N LYS A 361 28.24 30.88 -42.47
CA LYS A 361 29.11 30.72 -43.65
C LYS A 361 29.37 32.10 -44.24
N VAL A 362 30.57 32.62 -44.00
CA VAL A 362 30.86 34.01 -44.26
C VAL A 362 31.47 34.17 -45.63
N GLN A 363 30.99 35.19 -46.37
CA GLN A 363 31.62 35.66 -47.60
C GLN A 363 31.97 37.14 -47.40
N CYS A 364 33.06 37.59 -48.02
CA CYS A 364 33.52 38.97 -47.83
C CYS A 364 34.22 39.54 -49.05
N ARG A 365 33.79 40.75 -49.41
CA ARG A 365 34.26 41.46 -50.57
C ARG A 365 35.29 42.44 -50.06
N LEU A 366 35.70 43.34 -50.95
CA LEU A 366 36.51 44.47 -50.56
C LEU A 366 35.90 45.74 -51.14
N GLN A 367 35.79 46.76 -50.29
CA GLN A 367 35.13 48.03 -50.62
C GLN A 367 35.59 48.57 -51.97
N GLY A 368 34.64 48.87 -52.84
CA GLY A 368 34.86 49.60 -54.10
C GLY A 368 35.96 49.16 -55.06
N ASN A 369 36.40 50.10 -55.89
CA ASN A 369 37.43 49.87 -56.91
C ASN A 369 38.74 50.22 -56.25
N VAL A 370 39.66 49.26 -56.20
CA VAL A 370 40.86 49.40 -55.38
C VAL A 370 42.07 48.70 -56.00
N PRO A 371 43.27 49.26 -55.78
CA PRO A 371 44.48 48.57 -56.23
C PRO A 371 44.70 47.21 -55.57
N PHE A 372 44.15 46.99 -54.38
CA PHE A 372 44.28 45.72 -53.70
C PHE A 372 43.05 44.85 -53.97
N ARG A 373 43.25 43.58 -54.33
CA ARG A 373 42.15 42.59 -54.42
C ARG A 373 42.15 41.78 -53.13
N LEU A 374 41.11 40.96 -52.91
CA LEU A 374 41.14 39.92 -51.87
C LEU A 374 40.85 38.54 -52.46
N ASN A 375 41.44 37.50 -51.86
CA ASN A 375 41.35 36.12 -52.36
C ASN A 375 41.20 35.08 -51.25
N GLU A 376 40.29 34.12 -51.46
CA GLU A 376 39.90 33.13 -50.44
C GLU A 376 40.66 31.80 -50.57
N PHE A 377 40.95 31.19 -49.41
CA PHE A 377 41.25 29.75 -49.29
C PHE A 377 40.42 29.20 -48.14
N GLU A 378 40.52 27.90 -47.87
CA GLU A 378 39.59 27.23 -46.97
C GLU A 378 39.49 27.88 -45.57
N SER A 379 40.57 27.89 -44.82
CA SER A 379 40.57 28.38 -43.42
C SER A 379 40.52 29.91 -43.27
N PHE A 380 41.21 30.62 -44.15
CA PHE A 380 41.51 32.06 -44.03
C PHE A 380 41.49 32.71 -45.39
N SER A 381 41.69 34.02 -45.45
CA SER A 381 41.70 34.76 -46.73
C SER A 381 43.03 35.46 -46.99
N THR A 382 43.55 35.30 -48.21
CA THR A 382 44.80 35.93 -48.68
C THR A 382 44.52 37.31 -49.29
N LEU A 383 45.04 38.37 -48.66
CA LEU A 383 45.03 39.72 -49.26
C LEU A 383 46.15 39.74 -50.31
N LEU A 384 45.79 39.97 -51.58
CA LEU A 384 46.73 39.94 -52.71
C LEU A 384 46.52 41.16 -53.61
N VAL A 385 47.62 41.74 -54.08
CA VAL A 385 47.57 43.03 -54.80
C VAL A 385 47.06 42.86 -56.24
N ASP A 386 46.45 43.92 -56.78
CA ASP A 386 45.87 43.92 -58.13
C ASP A 386 46.26 45.23 -58.84
N GLY A 387 47.42 45.23 -59.50
CA GLY A 387 47.93 46.41 -60.23
C GLY A 387 49.28 46.80 -59.67
N ARG A 388 49.47 48.11 -59.42
CA ARG A 388 50.60 48.62 -58.62
C ARG A 388 50.46 50.12 -58.35
N LEU A 389 50.94 50.55 -57.19
CA LEU A 389 51.02 51.98 -56.90
C LEU A 389 52.32 52.54 -57.45
N ASP A 390 52.19 53.53 -58.32
CA ASP A 390 53.19 54.57 -58.42
C ASP A 390 52.97 55.39 -57.16
N ARG A 391 53.72 55.02 -56.11
CA ARG A 391 53.67 55.71 -54.83
C ARG A 391 54.01 57.19 -55.00
N GLU A 392 54.82 57.49 -56.03
CA GLU A 392 55.04 58.84 -56.57
C GLU A 392 54.15 59.90 -55.95
N GLN A 393 52.84 59.70 -56.04
CA GLN A 393 51.84 60.67 -55.59
C GLN A 393 51.18 60.38 -54.24
N ARG A 394 50.91 59.11 -53.94
CA ARG A 394 50.09 58.76 -52.77
C ARG A 394 50.68 57.69 -51.87
N ASP A 395 51.07 58.13 -50.67
CA ASP A 395 51.62 57.30 -49.59
C ASP A 395 50.67 56.13 -49.25
N MET A 396 49.59 56.42 -48.54
CA MET A 396 48.68 55.38 -48.06
C MET A 396 47.25 55.59 -48.59
N TYR A 397 46.37 54.65 -48.23
CA TYR A 397 44.91 54.87 -48.22
C TYR A 397 44.21 53.74 -47.44
N ASN A 398 43.41 54.09 -46.42
CA ASN A 398 42.95 53.10 -45.41
C ASN A 398 41.67 52.32 -45.79
N LEU A 399 41.89 51.08 -46.23
CA LEU A 399 40.84 50.13 -46.60
C LEU A 399 39.94 49.74 -45.45
N THR A 400 38.70 49.37 -45.80
CA THR A 400 37.79 48.65 -44.89
C THR A 400 37.40 47.35 -45.60
N ILE A 401 37.12 46.32 -44.81
CA ILE A 401 36.76 45.00 -45.34
C ILE A 401 35.38 44.61 -44.83
N LEU A 402 34.53 44.21 -45.77
CA LEU A 402 33.12 43.98 -45.51
C LEU A 402 32.92 42.48 -45.51
N ALA A 403 32.10 41.98 -44.58
CA ALA A 403 31.87 40.53 -44.42
C ALA A 403 30.50 40.25 -43.81
N GLU A 404 29.59 39.67 -44.59
CA GLU A 404 28.24 39.33 -44.13
C GLU A 404 28.11 37.83 -44.08
N ASP A 405 27.47 37.30 -43.05
CA ASP A 405 27.18 35.87 -43.03
C ASP A 405 25.96 35.56 -43.92
N SER A 406 25.77 34.28 -44.17
CA SER A 406 24.71 33.83 -45.02
C SER A 406 23.67 33.23 -44.11
N GLY A 407 22.86 34.08 -43.49
CA GLY A 407 21.69 33.61 -42.70
C GLY A 407 20.46 34.45 -42.99
N TYR A 408 19.49 34.40 -42.07
CA TYR A 408 18.41 35.39 -42.05
C TYR A 408 18.03 35.65 -40.58
N PRO A 409 17.82 36.91 -40.20
CA PRO A 409 18.23 38.09 -40.97
C PRO A 409 19.74 38.15 -40.90
N PRO A 410 20.41 38.31 -42.05
CA PRO A 410 21.87 38.18 -42.01
C PRO A 410 22.55 39.30 -41.21
N LEU A 411 23.81 39.10 -40.83
CA LEU A 411 24.57 40.07 -40.06
C LEU A 411 25.91 40.39 -40.69
N ARG A 412 26.46 41.53 -40.31
CA ARG A 412 27.69 42.06 -40.87
C ARG A 412 28.67 42.47 -39.78
N SER A 413 29.88 42.78 -40.23
CA SER A 413 30.87 43.55 -39.47
C SER A 413 31.96 44.02 -40.43
N SER A 414 32.79 44.98 -40.01
CA SER A 414 33.81 45.58 -40.90
C SER A 414 35.11 45.95 -40.18
N LYS A 415 36.22 45.43 -40.69
CA LYS A 415 37.55 45.72 -40.12
C LYS A 415 38.27 46.76 -40.96
N SER A 416 38.21 48.02 -40.49
CA SER A 416 38.97 49.10 -41.11
C SER A 416 40.41 49.11 -40.57
N PHE A 417 41.34 49.42 -41.47
CA PHE A 417 42.77 49.47 -41.18
C PHE A 417 43.47 50.29 -42.28
N ALA A 418 44.79 50.43 -42.19
CA ALA A 418 45.56 51.28 -43.13
C ALA A 418 46.59 50.51 -43.97
N VAL A 419 47.12 51.18 -45.01
CA VAL A 419 48.20 50.62 -45.86
C VAL A 419 49.06 51.69 -46.62
N LYS A 420 50.22 52.04 -46.06
CA LYS A 420 51.23 52.88 -46.74
C LYS A 420 52.14 52.01 -47.62
N VAL A 421 53.01 52.64 -48.42
CA VAL A 421 53.92 51.89 -49.31
C VAL A 421 55.40 52.36 -49.30
N THR A 422 56.31 51.40 -49.50
CA THR A 422 57.78 51.58 -49.36
C THR A 422 58.47 51.25 -50.71
N ASP A 423 59.81 51.07 -50.73
CA ASP A 423 60.53 50.60 -51.94
C ASP A 423 61.69 49.66 -51.61
N PHE B 3 52.77 24.22 -48.87
CA PHE B 3 51.31 24.57 -48.88
C PHE B 3 50.54 23.88 -47.74
N ASN B 4 50.74 22.57 -47.54
CA ASN B 4 50.03 21.77 -46.51
C ASN B 4 50.93 20.73 -45.83
N LEU B 5 50.87 20.64 -44.49
CA LEU B 5 51.66 19.65 -43.69
C LEU B 5 50.89 19.05 -42.50
N LYS B 6 50.80 17.72 -42.43
CA LYS B 6 50.05 17.04 -41.36
C LYS B 6 51.02 16.38 -40.40
N TYR B 7 50.75 16.51 -39.10
CA TYR B 7 51.58 15.92 -38.04
C TYR B 7 50.77 15.35 -36.89
N THR B 8 51.43 14.55 -36.06
CA THR B 8 50.77 13.84 -34.97
C THR B 8 51.66 13.71 -33.72
N VAL B 9 51.12 14.09 -32.57
CA VAL B 9 51.76 13.87 -31.26
C VAL B 9 50.79 13.17 -30.35
N GLU B 10 51.30 12.50 -29.33
CA GLU B 10 50.44 12.02 -28.26
C GLU B 10 50.25 13.14 -27.26
N GLU B 11 49.27 12.99 -26.37
CA GLU B 11 49.04 13.97 -25.32
C GLU B 11 49.92 13.63 -24.11
N GLU B 12 50.00 14.60 -23.18
CA GLU B 12 50.64 14.43 -21.87
C GLU B 12 52.13 14.06 -22.00
N LEU B 13 52.79 14.65 -22.98
CA LEU B 13 54.22 14.45 -23.26
C LEU B 13 55.03 15.74 -22.96
N ARG B 14 55.79 15.68 -21.87
CA ARG B 14 56.51 16.83 -21.30
C ARG B 14 57.79 17.07 -22.08
N ALA B 15 58.52 18.10 -21.67
CA ALA B 15 59.95 18.26 -21.93
C ALA B 15 60.17 18.84 -23.32
N GLY B 16 59.10 19.38 -23.91
CA GLY B 16 59.11 19.89 -25.26
C GLY B 16 59.65 18.86 -26.22
N THR B 17 58.88 17.80 -26.44
CA THR B 17 59.27 16.74 -27.36
C THR B 17 59.26 17.24 -28.82
N LYS B 18 60.16 16.71 -29.63
CA LYS B 18 60.39 17.19 -31.00
C LYS B 18 59.35 16.60 -31.95
N ILE B 19 58.43 17.45 -32.39
CA ILE B 19 57.30 17.03 -33.23
C ILE B 19 57.76 16.66 -34.62
N ALA B 20 58.44 17.60 -35.27
CA ALA B 20 58.94 17.38 -36.62
C ALA B 20 60.00 18.40 -36.98
N ASN B 21 60.64 18.15 -38.11
CA ASN B 21 61.54 19.11 -38.74
C ASN B 21 60.90 19.60 -40.02
N VAL B 22 60.12 20.67 -39.87
CA VAL B 22 59.41 21.31 -40.98
C VAL B 22 60.39 21.78 -42.04
N THR B 23 61.50 22.37 -41.59
CA THR B 23 62.56 22.82 -42.48
C THR B 23 63.07 21.69 -43.43
N ALA B 24 63.16 20.45 -42.93
CA ALA B 24 63.49 19.30 -43.78
C ALA B 24 62.32 18.89 -44.66
N ASP B 25 61.12 18.84 -44.09
CA ASP B 25 59.93 18.40 -44.83
C ASP B 25 59.47 19.40 -45.88
N ALA B 26 59.79 20.66 -45.67
CA ALA B 26 59.56 21.71 -46.67
C ALA B 26 60.53 21.53 -47.84
N LYS B 27 61.77 21.18 -47.52
CA LYS B 27 62.81 20.91 -48.52
C LYS B 27 62.54 19.64 -49.30
N VAL B 28 61.98 18.63 -48.64
CA VAL B 28 61.64 17.37 -49.29
C VAL B 28 60.45 17.58 -50.23
N ALA B 29 59.46 18.36 -49.82
CA ALA B 29 58.35 18.72 -50.72
C ALA B 29 58.79 19.74 -51.76
N GLY B 30 59.43 20.81 -51.30
CA GLY B 30 60.05 21.82 -52.16
C GLY B 30 59.63 23.23 -51.82
N PHE B 31 60.40 23.90 -50.94
CA PHE B 31 60.10 25.27 -50.50
C PHE B 31 61.28 26.24 -50.53
N ALA B 32 61.01 27.53 -50.26
CA ALA B 32 61.98 28.60 -50.44
C ALA B 32 63.30 28.40 -49.69
N LEU B 33 64.40 28.63 -50.41
CA LEU B 33 65.76 28.45 -49.91
C LEU B 33 66.28 29.80 -49.40
N GLY B 34 65.58 30.38 -48.43
CA GLY B 34 65.99 31.66 -47.87
C GLY B 34 67.34 31.54 -47.18
N ASN B 35 68.35 32.19 -47.76
CA ASN B 35 69.61 32.45 -47.03
C ASN B 35 69.30 33.03 -45.65
N ARG B 36 68.35 33.98 -45.63
CA ARG B 36 67.86 34.65 -44.41
C ARG B 36 67.42 33.64 -43.34
N GLN B 37 67.62 34.00 -42.07
CA GLN B 37 67.65 33.01 -40.97
C GLN B 37 66.30 32.46 -40.45
N PRO B 38 65.38 33.31 -39.91
CA PRO B 38 64.04 32.75 -39.63
C PRO B 38 63.37 32.28 -40.91
N TYR B 39 63.68 31.04 -41.30
CA TYR B 39 63.29 30.47 -42.60
C TYR B 39 61.78 30.50 -42.74
N LEU B 40 61.12 30.08 -41.66
CA LEU B 40 59.68 30.16 -41.55
C LEU B 40 59.30 31.21 -40.51
N ARG B 41 58.29 32.01 -40.85
CA ARG B 41 57.79 33.12 -40.07
C ARG B 41 56.42 32.70 -39.58
N VAL B 42 56.21 32.70 -38.27
CA VAL B 42 54.97 32.19 -37.70
C VAL B 42 53.95 33.29 -37.53
N ILE B 43 52.89 33.22 -38.32
CA ILE B 43 51.80 34.19 -38.28
C ILE B 43 50.74 33.79 -37.26
N SER B 44 50.21 32.59 -37.41
CA SER B 44 49.02 32.17 -36.67
C SER B 44 49.22 30.76 -36.15
N ASN B 45 48.83 30.52 -34.90
CA ASN B 45 48.73 29.15 -34.33
C ASN B 45 47.66 29.04 -33.24
N SER B 46 46.70 28.13 -33.41
CA SER B 46 45.71 27.87 -32.39
C SER B 46 46.41 27.29 -31.16
N GLU B 47 46.31 28.00 -30.04
CA GLU B 47 46.96 27.62 -28.79
C GLU B 47 48.49 27.51 -28.94
N PRO B 48 49.21 28.67 -28.93
CA PRO B 48 50.67 28.70 -28.89
C PRO B 48 51.23 28.30 -27.54
N ARG B 49 50.43 28.51 -26.48
CA ARG B 49 50.70 28.03 -25.12
C ARG B 49 51.29 26.62 -25.14
N TRP B 50 50.67 25.73 -25.92
CA TRP B 50 51.13 24.34 -26.09
C TRP B 50 52.43 24.23 -26.91
N VAL B 51 52.39 24.59 -28.19
CA VAL B 51 53.50 24.33 -29.13
C VAL B 51 54.22 25.61 -29.60
N ASN B 52 55.53 25.69 -29.33
CA ASN B 52 56.40 26.78 -29.83
C ASN B 52 57.24 26.28 -31.02
N LEU B 53 57.29 27.01 -32.13
CA LEU B 53 58.17 26.67 -33.26
C LEU B 53 59.56 27.24 -32.99
N SER B 54 60.52 26.93 -33.86
CA SER B 54 61.90 27.40 -33.69
C SER B 54 62.46 28.16 -34.88
N PRO B 55 63.36 29.13 -34.63
CA PRO B 55 64.04 29.87 -35.69
C PRO B 55 64.59 28.97 -36.77
N ALA B 56 65.25 27.88 -36.37
CA ALA B 56 65.88 26.96 -37.32
C ALA B 56 64.93 25.87 -37.89
N GLY B 57 63.62 26.14 -37.85
CA GLY B 57 62.65 25.27 -38.45
C GLY B 57 62.29 24.02 -37.66
N LEU B 58 62.74 23.92 -36.41
CA LEU B 58 62.25 22.87 -35.48
C LEU B 58 60.79 23.13 -35.17
N LEU B 59 60.16 22.13 -34.59
CA LEU B 59 58.83 22.30 -34.02
C LEU B 59 58.83 21.54 -32.71
N ILE B 60 59.15 22.25 -31.64
CA ILE B 60 59.23 21.65 -30.30
C ILE B 60 57.94 21.96 -29.52
N THR B 61 57.68 21.16 -28.50
CA THR B 61 56.46 21.27 -27.68
C THR B 61 56.76 22.18 -26.49
N LYS B 62 55.75 22.57 -25.71
CA LYS B 62 56.02 23.25 -24.44
C LYS B 62 55.25 22.74 -23.18
N GLN B 63 54.35 21.75 -23.30
CA GLN B 63 53.60 21.24 -22.15
C GLN B 63 53.25 19.77 -22.19
N LYS B 64 53.06 19.20 -21.00
CA LYS B 64 52.20 18.05 -20.84
C LYS B 64 50.84 18.55 -21.32
N ILE B 65 50.46 18.13 -22.53
CA ILE B 65 49.17 18.53 -23.10
C ILE B 65 48.04 17.66 -22.51
N ASP B 66 46.95 18.29 -22.09
CA ASP B 66 45.76 17.56 -21.64
C ASP B 66 44.68 17.60 -22.74
N ARG B 67 44.71 16.60 -23.62
CA ARG B 67 43.75 16.47 -24.74
C ARG B 67 42.34 16.24 -24.26
N ASP B 68 42.20 15.58 -23.13
CA ASP B 68 40.90 15.27 -22.58
C ASP B 68 40.20 16.51 -21.98
N ALA B 69 40.99 17.51 -21.58
CA ALA B 69 40.44 18.77 -21.03
C ALA B 69 39.74 19.62 -22.08
N VAL B 70 40.50 20.05 -23.08
CA VAL B 70 40.03 20.95 -24.15
C VAL B 70 39.11 20.22 -25.14
N CYS B 71 39.27 18.89 -25.24
CA CYS B 71 38.50 18.07 -26.17
C CYS B 71 38.17 16.72 -25.52
N ARG B 72 37.26 16.73 -24.55
CA ARG B 72 36.77 15.48 -23.96
C ARG B 72 35.83 14.80 -24.93
N GLN B 73 35.84 13.46 -24.97
CA GLN B 73 34.76 12.71 -25.61
C GLN B 73 34.53 13.09 -27.11
N THR B 74 35.61 13.39 -27.83
CA THR B 74 35.52 13.87 -29.24
C THR B 74 36.58 13.23 -30.16
N PRO B 75 36.20 12.85 -31.41
CA PRO B 75 37.09 12.01 -32.22
C PRO B 75 38.22 12.76 -32.94
N LYS B 76 38.35 14.07 -32.76
CA LYS B 76 39.50 14.81 -33.29
C LYS B 76 39.75 16.07 -32.46
N CYS B 77 41.03 16.39 -32.24
CA CYS B 77 41.42 17.60 -31.50
C CYS B 77 42.75 18.13 -32.03
N PHE B 78 42.66 19.10 -32.95
CA PHE B 78 43.78 19.54 -33.81
C PHE B 78 44.30 20.92 -33.44
N ILE B 79 45.63 21.09 -33.47
CA ILE B 79 46.23 22.42 -33.57
C ILE B 79 46.53 22.68 -35.03
N SER B 80 46.17 23.85 -35.51
CA SER B 80 46.54 24.27 -36.86
C SER B 80 47.29 25.58 -36.78
N LEU B 81 48.39 25.68 -37.52
CA LEU B 81 49.18 26.90 -37.57
C LEU B 81 49.71 27.21 -38.96
N GLU B 82 49.70 28.50 -39.30
CA GLU B 82 50.09 28.98 -40.61
C GLU B 82 51.42 29.70 -40.52
N VAL B 83 52.29 29.42 -41.50
CA VAL B 83 53.59 30.09 -41.63
C VAL B 83 53.81 30.50 -43.09
N MET B 84 54.20 31.75 -43.32
CA MET B 84 54.52 32.20 -44.67
C MET B 84 55.96 31.73 -44.92
N SER B 85 56.34 31.70 -46.19
CA SER B 85 57.68 31.33 -46.61
C SER B 85 58.71 32.33 -46.07
N ASN B 86 59.94 32.24 -46.57
CA ASN B 86 60.88 33.34 -46.45
C ASN B 86 60.20 34.62 -46.93
N SER B 87 59.60 34.53 -48.12
CA SER B 87 58.86 35.64 -48.70
C SER B 87 57.58 35.22 -49.41
N MET B 88 57.69 34.20 -50.25
CA MET B 88 56.75 33.99 -51.36
C MET B 88 55.40 33.34 -50.96
N GLU B 89 55.47 32.07 -50.57
CA GLU B 89 54.28 31.22 -50.37
C GLU B 89 53.93 30.99 -48.91
N ILE B 90 52.71 30.52 -48.68
CA ILE B 90 52.21 30.15 -47.34
C ILE B 90 52.16 28.63 -47.15
N CYS B 91 52.00 28.22 -45.89
CA CYS B 91 52.08 26.81 -45.52
C CYS B 91 51.28 26.49 -44.24
N VAL B 92 50.20 25.72 -44.39
CA VAL B 92 49.35 25.33 -43.27
C VAL B 92 49.88 24.06 -42.65
N ILE B 93 50.09 24.09 -41.34
CA ILE B 93 50.59 22.96 -40.56
C ILE B 93 49.52 22.49 -39.60
N LYS B 94 49.25 21.18 -39.58
CA LYS B 94 48.22 20.58 -38.72
C LYS B 94 48.83 19.55 -37.76
N ILE B 95 48.38 19.58 -36.51
CA ILE B 95 48.79 18.61 -35.48
C ILE B 95 47.55 17.95 -34.84
N GLU B 96 47.23 16.72 -35.28
CA GLU B 96 46.21 15.87 -34.64
C GLU B 96 46.80 15.24 -33.38
N ILE B 97 46.31 15.67 -32.22
CA ILE B 97 46.82 15.20 -30.92
C ILE B 97 46.14 13.86 -30.59
N ILE B 98 46.92 12.77 -30.54
CA ILE B 98 46.38 11.42 -30.28
C ILE B 98 46.03 11.29 -28.80
N ASP B 99 44.91 10.65 -28.48
CA ASP B 99 44.52 10.41 -27.08
C ASP B 99 45.25 9.18 -26.56
N VAL B 100 45.58 9.19 -25.26
CA VAL B 100 46.02 7.99 -24.57
C VAL B 100 45.26 7.91 -23.27
N ASN B 101 45.24 6.71 -22.69
CA ASN B 101 44.21 6.32 -21.73
C ASN B 101 44.45 6.82 -20.33
N ASP B 102 45.06 7.99 -20.17
CA ASP B 102 45.50 8.47 -18.86
C ASP B 102 44.36 8.86 -17.91
N ASN B 103 43.11 8.82 -18.40
CA ASN B 103 41.93 9.01 -17.55
C ASN B 103 41.05 7.77 -17.43
N ALA B 104 40.96 7.21 -16.22
CA ALA B 104 40.09 6.07 -15.93
C ALA B 104 38.68 6.53 -15.53
N PRO B 105 37.67 5.65 -15.68
CA PRO B 105 36.33 6.05 -15.28
C PRO B 105 36.22 6.38 -13.81
N ARG B 106 35.24 7.22 -13.52
CA ARG B 106 35.08 7.83 -12.22
C ARG B 106 33.60 8.10 -11.99
N PHE B 107 33.08 7.58 -10.87
CA PHE B 107 31.73 7.91 -10.40
C PHE B 107 31.81 9.18 -9.49
N PRO B 108 30.68 9.87 -9.28
CA PRO B 108 30.75 11.20 -8.63
C PRO B 108 31.07 11.14 -7.14
N THR B 109 30.61 10.08 -6.48
CA THR B 109 30.86 9.80 -5.09
C THR B 109 31.66 8.50 -5.07
N ASN B 110 31.79 7.88 -3.90
CA ASN B 110 32.23 6.48 -3.79
C ASN B 110 31.08 5.67 -3.21
N HIS B 111 29.83 6.01 -3.56
CA HIS B 111 28.66 5.45 -2.90
C HIS B 111 27.33 5.88 -3.52
N ILE B 112 26.50 4.93 -3.96
CA ILE B 112 25.15 5.21 -4.52
C ILE B 112 24.04 4.53 -3.72
N ASP B 113 23.28 5.34 -2.99
CA ASP B 113 22.17 4.86 -2.16
C ASP B 113 20.88 5.05 -2.93
N ILE B 114 20.29 3.96 -3.42
CA ILE B 114 18.96 3.99 -4.02
C ILE B 114 17.99 3.44 -2.98
N GLU B 115 16.74 3.20 -3.41
CA GLU B 115 15.68 2.66 -2.55
C GLU B 115 14.46 2.12 -3.31
N ILE B 116 14.38 0.80 -3.50
CA ILE B 116 13.21 0.14 -4.15
C ILE B 116 12.14 -0.23 -3.12
N SER B 117 10.89 -0.30 -3.57
CA SER B 117 9.82 -0.91 -2.82
C SER B 117 9.75 -2.38 -3.19
N GLU B 118 9.67 -3.24 -2.17
CA GLU B 118 9.03 -4.53 -2.26
C GLU B 118 7.79 -4.34 -3.15
N ASN B 119 7.31 -5.43 -3.73
CA ASN B 119 6.08 -5.36 -4.52
C ASN B 119 6.33 -4.73 -5.89
N ALA B 120 7.60 -4.41 -6.20
CA ALA B 120 7.98 -3.92 -7.51
C ALA B 120 8.22 -5.12 -8.38
N ALA B 121 7.49 -5.19 -9.49
CA ALA B 121 7.43 -6.39 -10.32
C ALA B 121 8.74 -6.67 -11.07
N PRO B 122 8.91 -7.91 -11.54
CA PRO B 122 10.07 -8.16 -12.41
C PRO B 122 9.88 -7.42 -13.72
N GLY B 123 10.94 -6.76 -14.19
CA GLY B 123 10.87 -5.89 -15.38
C GLY B 123 10.79 -4.41 -15.05
N THR B 124 10.52 -4.10 -13.78
CA THR B 124 10.68 -2.74 -13.24
C THR B 124 12.13 -2.28 -13.37
N ARG B 125 12.35 -1.03 -13.77
CA ARG B 125 13.71 -0.51 -13.96
C ARG B 125 13.91 0.79 -13.21
N PHE B 126 15.19 1.13 -13.00
CA PHE B 126 15.62 2.40 -12.42
C PHE B 126 16.85 2.90 -13.20
N PRO B 127 16.83 4.18 -13.63
CA PRO B 127 18.04 4.70 -14.25
C PRO B 127 19.03 5.14 -13.20
N LEU B 128 20.27 5.30 -13.62
CA LEU B 128 21.37 5.64 -12.72
C LEU B 128 22.47 6.37 -13.48
N GLU B 129 23.11 7.32 -12.80
CA GLU B 129 23.99 8.32 -13.44
C GLU B 129 24.98 7.74 -14.44
N GLY B 130 25.90 6.93 -13.92
CA GLY B 130 27.08 6.50 -14.65
C GLY B 130 28.30 7.24 -14.18
N ALA B 131 29.31 7.28 -15.06
CA ALA B 131 30.68 7.70 -14.70
C ALA B 131 31.13 8.96 -15.48
N SER B 132 32.40 9.32 -15.36
CA SER B 132 32.99 10.41 -16.13
C SER B 132 34.38 10.01 -16.68
N ASP B 133 34.39 9.50 -17.90
CA ASP B 133 35.64 9.21 -18.59
C ASP B 133 35.82 10.23 -19.70
N PRO B 134 36.64 11.27 -19.45
CA PRO B 134 36.89 12.30 -20.45
C PRO B 134 37.83 11.89 -21.58
N ASP B 135 38.34 10.66 -21.55
CA ASP B 135 38.99 10.09 -22.73
C ASP B 135 38.09 10.05 -23.95
N SER B 136 38.74 9.91 -25.10
CA SER B 136 38.09 10.08 -26.37
C SER B 136 38.17 8.78 -27.15
N GLY B 137 37.06 8.43 -27.77
CA GLY B 137 36.93 7.19 -28.52
C GLY B 137 36.71 6.03 -27.58
N SER B 138 37.15 4.86 -28.02
CA SER B 138 37.05 3.65 -27.22
C SER B 138 37.73 3.80 -25.85
N ASN B 139 38.75 4.68 -25.76
CA ASN B 139 39.37 5.00 -24.46
C ASN B 139 38.35 5.52 -23.44
N GLY B 140 37.21 6.03 -23.92
CA GLY B 140 36.05 6.31 -23.07
C GLY B 140 35.30 5.09 -22.59
N ILE B 141 34.29 5.32 -21.74
CA ILE B 141 33.47 4.26 -21.15
C ILE B 141 32.84 3.36 -22.21
N GLN B 142 32.96 2.05 -22.04
CA GLN B 142 32.34 1.07 -22.96
C GLN B 142 31.25 0.16 -22.31
N THR B 143 31.38 -0.17 -21.02
CA THR B 143 30.27 -0.85 -20.29
C THR B 143 30.31 -0.67 -18.77
N TYR B 144 29.18 -1.04 -18.17
CA TYR B 144 28.96 -1.08 -16.71
C TYR B 144 28.62 -2.52 -16.28
N THR B 145 28.89 -2.87 -15.01
CA THR B 145 28.45 -4.17 -14.44
C THR B 145 28.18 -4.18 -12.93
N ILE B 146 27.11 -4.90 -12.56
CA ILE B 146 26.79 -5.21 -11.17
C ILE B 146 27.50 -6.52 -10.85
N THR B 147 27.98 -6.64 -9.61
CA THR B 147 28.45 -7.94 -9.07
C THR B 147 27.35 -8.98 -9.27
N PRO B 148 27.63 -10.04 -10.05
CA PRO B 148 26.53 -10.79 -10.61
C PRO B 148 25.75 -11.57 -9.58
N ASN B 149 24.44 -11.64 -9.79
CA ASN B 149 23.54 -12.35 -8.91
C ASN B 149 22.27 -12.78 -9.65
N ASP B 150 21.39 -13.47 -8.93
CA ASP B 150 20.16 -14.08 -9.49
C ASP B 150 18.91 -13.16 -9.46
N ILE B 151 18.93 -12.10 -8.65
CA ILE B 151 17.73 -11.25 -8.41
C ILE B 151 17.74 -9.90 -9.12
N PHE B 152 18.93 -9.33 -9.35
CA PHE B 152 19.06 -8.08 -10.09
C PHE B 152 20.01 -8.21 -11.25
N GLY B 153 19.73 -7.43 -12.29
CA GLY B 153 20.60 -7.35 -13.46
C GLY B 153 20.63 -5.92 -13.99
N LEU B 154 21.35 -5.75 -15.09
CA LEU B 154 21.60 -4.43 -15.68
C LEU B 154 21.26 -4.51 -17.17
N GLU B 155 20.74 -3.40 -17.70
CA GLU B 155 20.69 -3.18 -19.14
C GLU B 155 21.42 -1.88 -19.43
N ILE B 156 22.47 -1.97 -20.24
CA ILE B 156 23.11 -0.78 -20.78
C ILE B 156 22.54 -0.53 -22.17
N LYS B 157 22.12 0.72 -22.36
CA LYS B 157 21.55 1.20 -23.60
C LYS B 157 22.65 2.08 -24.18
N THR B 158 22.90 1.95 -25.47
CA THR B 158 23.93 2.77 -26.10
C THR B 158 23.26 3.87 -26.90
N ARG B 159 23.63 5.11 -26.61
CA ARG B 159 22.96 6.26 -27.23
C ARG B 159 23.63 6.71 -28.54
N GLY B 160 23.01 7.68 -29.20
CA GLY B 160 23.49 8.21 -30.49
C GLY B 160 24.84 8.89 -30.42
N ASP B 161 25.00 9.75 -29.42
CA ASP B 161 26.29 10.37 -29.05
C ASP B 161 27.50 9.42 -29.14
N GLY B 162 27.32 8.16 -28.73
CA GLY B 162 28.39 7.17 -28.67
C GLY B 162 28.45 6.60 -27.28
N SER B 163 28.21 7.47 -26.29
CA SER B 163 28.27 7.11 -24.88
C SER B 163 27.28 6.02 -24.49
N LYS B 164 27.59 5.40 -23.36
CA LYS B 164 26.87 4.24 -22.84
C LYS B 164 26.14 4.65 -21.57
N ILE B 165 24.85 4.29 -21.48
CA ILE B 165 24.01 4.59 -20.32
C ILE B 165 23.46 3.30 -19.72
N ALA B 166 23.79 3.08 -18.44
CA ALA B 166 23.35 1.87 -17.70
C ALA B 166 22.00 2.12 -17.03
N GLU B 167 21.28 1.04 -16.76
CA GLU B 167 19.92 1.14 -16.22
C GLU B 167 19.59 -0.12 -15.42
N LEU B 168 19.27 0.06 -14.14
CA LEU B 168 19.10 -1.05 -13.19
C LEU B 168 17.74 -1.70 -13.34
N VAL B 169 17.73 -2.94 -13.79
CA VAL B 169 16.49 -3.68 -13.95
C VAL B 169 16.32 -4.63 -12.75
N VAL B 170 15.07 -4.98 -12.43
CA VAL B 170 14.70 -5.87 -11.33
C VAL B 170 14.34 -7.23 -11.89
N GLU B 171 15.30 -8.14 -11.89
CA GLU B 171 15.15 -9.40 -12.62
C GLU B 171 14.14 -10.39 -12.01
N LYS B 172 13.93 -10.38 -10.69
CA LYS B 172 13.04 -11.38 -10.04
C LYS B 172 12.26 -10.85 -8.85
N THR B 173 11.18 -11.57 -8.51
CA THR B 173 10.19 -11.12 -7.52
C THR B 173 10.83 -10.88 -6.17
N LEU B 174 10.55 -9.71 -5.59
CA LEU B 174 11.18 -9.27 -4.34
C LEU B 174 10.33 -9.59 -3.14
N ASP B 175 10.99 -9.67 -1.98
CA ASP B 175 10.31 -9.85 -0.71
C ASP B 175 11.18 -9.32 0.42
N ARG B 176 10.66 -8.37 1.18
CA ARG B 176 11.40 -7.80 2.29
C ARG B 176 11.57 -8.82 3.38
N GLU B 177 10.47 -9.51 3.70
CA GLU B 177 10.43 -10.41 4.85
C GLU B 177 11.56 -11.45 4.80
N THR B 178 11.93 -11.87 3.59
CA THR B 178 13.04 -12.80 3.40
C THR B 178 14.41 -12.10 3.21
N GLN B 179 14.47 -11.01 2.44
CA GLN B 179 15.69 -10.19 2.34
C GLN B 179 15.40 -8.69 2.21
N SER B 180 15.82 -7.89 3.21
CA SER B 180 15.51 -6.46 3.30
C SER B 180 16.56 -5.49 2.73
N ARG B 181 17.81 -5.96 2.59
CA ARG B 181 18.89 -5.13 2.00
C ARG B 181 19.83 -5.94 1.09
N TYR B 182 20.16 -5.33 -0.05
CA TYR B 182 21.16 -5.82 -0.99
C TYR B 182 22.23 -4.75 -1.08
N THR B 183 23.49 -5.17 -1.17
CA THR B 183 24.61 -4.28 -1.47
C THR B 183 25.40 -4.89 -2.61
N PHE B 184 25.67 -4.09 -3.63
CA PHE B 184 26.32 -4.56 -4.84
C PHE B 184 27.37 -3.58 -5.31
N GLU B 185 28.26 -4.05 -6.19
CA GLU B 185 29.32 -3.24 -6.74
C GLU B 185 28.98 -2.91 -8.18
N LEU B 186 28.84 -1.62 -8.46
CA LEU B 186 28.62 -1.12 -9.80
C LEU B 186 29.93 -0.58 -10.33
N THR B 187 30.44 -1.20 -11.39
CA THR B 187 31.75 -0.85 -11.94
C THR B 187 31.67 -0.52 -13.44
N ALA B 188 32.58 0.34 -13.92
CA ALA B 188 32.54 0.96 -15.27
C ALA B 188 33.85 0.84 -16.08
N GLU B 189 33.82 0.19 -17.24
CA GLU B 189 35.05 -0.18 -17.97
C GLU B 189 35.38 0.69 -19.21
N ASP B 190 36.67 0.82 -19.50
CA ASP B 190 37.19 1.44 -20.75
C ASP B 190 37.19 0.52 -21.95
N GLY B 191 37.68 1.08 -23.06
CA GLY B 191 38.24 0.31 -24.17
C GLY B 191 39.70 0.71 -24.36
N GLY B 192 40.47 0.65 -23.28
CA GLY B 192 41.89 0.97 -23.30
C GLY B 192 42.71 -0.27 -23.59
N ASP B 193 43.97 -0.07 -23.95
CA ASP B 193 44.91 -1.19 -24.17
C ASP B 193 45.09 -1.91 -22.84
N PRO B 194 45.42 -1.17 -21.78
CA PRO B 194 45.03 -1.61 -20.46
C PRO B 194 43.63 -1.06 -20.24
N PRO B 195 42.59 -1.93 -20.30
CA PRO B 195 41.24 -1.37 -20.09
C PRO B 195 40.98 -0.88 -18.66
N LYS B 196 41.25 0.42 -18.43
CA LYS B 196 41.15 1.08 -17.10
C LYS B 196 39.69 1.12 -16.66
N SER B 197 39.45 1.12 -15.34
CA SER B 197 38.11 0.90 -14.81
C SER B 197 37.94 1.24 -13.33
N GLY B 198 37.18 2.28 -13.02
CA GLY B 198 36.80 2.64 -11.64
C GLY B 198 35.48 2.01 -11.21
N THR B 199 35.10 2.19 -9.94
CA THR B 199 33.92 1.51 -9.37
C THR B 199 33.26 2.24 -8.17
N VAL B 200 32.04 1.83 -7.85
CA VAL B 200 31.21 2.45 -6.81
C VAL B 200 30.17 1.48 -6.20
N GLN B 201 29.85 1.68 -4.92
CA GLN B 201 28.88 0.82 -4.23
C GLN B 201 27.45 1.18 -4.62
N LEU B 202 26.58 0.17 -4.69
CA LEU B 202 25.14 0.31 -4.90
C LEU B 202 24.44 -0.18 -3.63
N ASN B 203 23.42 0.56 -3.17
CA ASN B 203 22.64 0.20 -1.97
C ASN B 203 21.13 0.13 -2.23
N ILE B 204 20.68 -1.04 -2.66
CA ILE B 204 19.26 -1.32 -2.80
C ILE B 204 18.72 -1.53 -1.39
N LYS B 205 17.51 -1.06 -1.16
CA LYS B 205 16.97 -1.03 0.18
C LYS B 205 15.49 -1.31 0.05
N VAL B 206 15.12 -2.58 0.22
CA VAL B 206 13.74 -3.02 -0.07
C VAL B 206 12.81 -2.49 1.02
N ILE B 207 11.87 -1.64 0.61
CA ILE B 207 10.99 -0.96 1.54
C ILE B 207 9.74 -1.77 1.73
N ASP B 208 9.25 -1.79 2.96
CA ASP B 208 8.12 -2.63 3.33
C ASP B 208 6.82 -2.21 2.66
N SER B 209 6.22 -3.16 1.95
CA SER B 209 4.81 -3.06 1.57
C SER B 209 4.04 -3.81 2.63
N ASN B 210 2.75 -3.51 2.77
CA ASN B 210 1.92 -4.14 3.77
C ASN B 210 1.28 -5.39 3.19
N ASP B 211 2.12 -6.34 2.80
CA ASP B 211 1.68 -7.51 2.03
C ASP B 211 1.08 -8.63 2.88
N ASN B 212 1.22 -8.56 4.21
CA ASN B 212 0.71 -9.62 5.08
C ASN B 212 -0.37 -9.18 6.04
N ASN B 213 -1.30 -10.12 6.26
CA ASN B 213 -2.46 -9.93 7.11
C ASN B 213 -2.42 -10.98 8.21
N PRO B 214 -2.60 -10.56 9.49
CA PRO B 214 -2.50 -11.42 10.66
C PRO B 214 -3.07 -12.82 10.50
N VAL B 215 -2.32 -13.81 10.95
CA VAL B 215 -2.79 -15.18 11.04
C VAL B 215 -3.07 -15.44 12.54
N PHE B 216 -4.27 -15.95 12.84
CA PHE B 216 -4.63 -16.35 14.22
C PHE B 216 -4.11 -17.76 14.50
N ASP B 217 -3.60 -18.00 15.71
CA ASP B 217 -2.95 -19.30 16.07
C ASP B 217 -3.88 -20.47 15.74
N GLU B 218 -5.18 -20.27 15.97
CA GLU B 218 -6.25 -21.20 15.53
C GLU B 218 -7.48 -20.37 15.11
N PRO B 219 -8.57 -21.02 14.62
CA PRO B 219 -9.81 -20.26 14.31
C PRO B 219 -10.82 -20.14 15.45
N VAL B 220 -10.89 -21.15 16.32
CA VAL B 220 -11.85 -21.17 17.43
C VAL B 220 -11.14 -21.49 18.74
N TYR B 221 -11.12 -20.51 19.64
CA TYR B 221 -10.53 -20.64 20.98
C TYR B 221 -11.68 -20.94 21.95
N THR B 222 -11.45 -21.72 23.02
CA THR B 222 -12.54 -22.07 23.96
C THR B 222 -12.07 -22.24 25.41
N VAL B 223 -12.04 -21.18 26.22
CA VAL B 223 -11.53 -21.30 27.59
C VAL B 223 -12.62 -20.91 28.58
N ASN B 224 -12.63 -21.56 29.76
CA ASN B 224 -13.72 -21.46 30.76
C ASN B 224 -13.38 -20.60 31.96
N VAL B 225 -14.38 -19.86 32.47
CA VAL B 225 -14.22 -18.97 33.64
C VAL B 225 -15.39 -19.12 34.64
N LEU B 226 -15.07 -18.91 35.92
CA LEU B 226 -16.04 -19.04 37.01
C LEU B 226 -17.05 -17.94 36.97
N GLU B 227 -18.29 -18.26 37.33
CA GLU B 227 -19.31 -17.23 37.47
C GLU B 227 -18.99 -16.36 38.67
N ASN B 228 -19.64 -15.20 38.72
CA ASN B 228 -19.42 -14.17 39.74
C ASN B 228 -17.94 -13.75 39.89
N SER B 229 -17.14 -14.04 38.86
CA SER B 229 -15.69 -13.87 38.90
C SER B 229 -15.40 -12.37 38.73
N PRO B 230 -14.44 -11.82 39.52
CA PRO B 230 -14.30 -10.37 39.63
C PRO B 230 -13.70 -9.72 38.39
N ILE B 231 -13.63 -8.40 38.38
CA ILE B 231 -13.28 -7.63 37.20
C ILE B 231 -11.77 -7.77 36.93
N ASN B 232 -11.39 -7.72 35.66
CA ASN B 232 -10.01 -7.91 35.20
C ASN B 232 -9.40 -9.30 35.44
N THR B 233 -10.21 -10.34 35.69
CA THR B 233 -9.70 -11.73 35.73
C THR B 233 -9.73 -12.32 34.32
N LEU B 234 -8.55 -12.61 33.78
CA LEU B 234 -8.39 -12.84 32.34
C LEU B 234 -9.07 -14.12 31.82
N VAL B 235 -9.59 -14.02 30.61
CA VAL B 235 -10.33 -15.10 29.98
C VAL B 235 -9.39 -15.85 29.07
N ILE B 236 -8.73 -15.10 28.18
CA ILE B 236 -7.66 -15.64 27.32
C ILE B 236 -6.76 -14.51 26.76
N ASP B 237 -5.46 -14.77 26.62
CA ASP B 237 -4.54 -13.91 25.87
C ASP B 237 -4.44 -14.43 24.42
N LEU B 238 -4.84 -13.60 23.44
CA LEU B 238 -4.87 -13.98 22.03
C LEU B 238 -3.65 -13.45 21.30
N ASN B 239 -3.36 -14.09 20.15
CA ASN B 239 -2.22 -13.72 19.33
C ASN B 239 -2.53 -13.89 17.85
N ALA B 240 -2.16 -12.86 17.08
CA ALA B 240 -2.17 -12.89 15.64
C ALA B 240 -0.90 -12.21 15.12
N THR B 241 -0.34 -12.76 14.04
CA THR B 241 1.04 -12.48 13.64
C THR B 241 1.20 -11.78 12.29
N ASP B 242 1.98 -10.70 12.28
CA ASP B 242 2.27 -9.94 11.08
C ASP B 242 3.78 -9.81 10.91
N PRO B 243 4.35 -10.46 9.88
CA PRO B 243 5.77 -10.27 9.54
C PRO B 243 6.21 -8.85 9.14
N ASP B 244 5.29 -8.01 8.67
CA ASP B 244 5.64 -6.73 8.06
C ASP B 244 6.25 -5.75 9.04
N GLU B 245 6.81 -4.68 8.50
CA GLU B 245 7.53 -3.64 9.26
C GLU B 245 6.62 -2.82 10.18
N GLY B 246 7.17 -2.37 11.30
CA GLY B 246 6.59 -1.34 12.19
C GLY B 246 5.09 -1.12 12.22
N THR B 247 4.66 0.02 11.68
CA THR B 247 3.22 0.38 11.53
C THR B 247 2.43 -0.67 10.75
N ASN B 248 2.91 -1.07 9.57
CA ASN B 248 2.29 -2.12 8.75
C ASN B 248 2.25 -3.48 9.47
N GLY B 249 3.15 -3.66 10.45
CA GLY B 249 3.15 -4.81 11.34
C GLY B 249 2.22 -4.71 12.53
N GLU B 250 2.18 -3.54 13.20
CA GLU B 250 1.43 -3.34 14.46
C GLU B 250 -0.06 -3.70 14.40
N VAL B 251 -0.46 -4.82 15.01
CA VAL B 251 -1.90 -5.24 15.07
C VAL B 251 -2.64 -4.65 16.23
N VAL B 252 -3.95 -4.50 16.04
CA VAL B 252 -4.85 -4.09 17.10
C VAL B 252 -6.02 -5.05 17.07
N TYR B 253 -6.61 -5.29 18.24
CA TYR B 253 -7.57 -6.36 18.46
C TYR B 253 -8.93 -5.79 18.85
N SER B 254 -10.02 -6.28 18.24
CA SER B 254 -11.35 -5.99 18.80
C SER B 254 -12.49 -6.87 18.36
N PHE B 255 -13.62 -6.72 19.05
CA PHE B 255 -14.90 -7.36 18.68
C PHE B 255 -15.50 -6.59 17.53
N ILE B 256 -16.50 -7.17 16.85
CA ILE B 256 -17.02 -6.55 15.61
C ILE B 256 -18.51 -6.32 15.48
N ASN B 257 -19.30 -7.34 15.80
CA ASN B 257 -20.71 -7.34 15.46
C ASN B 257 -21.49 -6.67 16.58
N PHE B 258 -22.81 -6.63 16.41
CA PHE B 258 -23.72 -6.49 17.52
C PHE B 258 -23.57 -7.82 18.30
N VAL B 259 -22.42 -8.00 18.97
CA VAL B 259 -21.88 -9.32 19.43
C VAL B 259 -22.93 -10.03 20.28
N SER B 260 -23.43 -9.23 21.21
CA SER B 260 -24.60 -9.46 22.03
C SER B 260 -24.38 -8.30 22.99
N ASN B 261 -25.37 -7.45 23.14
CA ASN B 261 -25.18 -6.23 23.93
C ASN B 261 -24.57 -6.57 25.30
N LEU B 262 -24.97 -7.72 25.87
CA LEU B 262 -24.32 -8.32 27.05
C LEU B 262 -22.84 -8.58 26.90
N THR B 263 -22.45 -9.28 25.83
CA THR B 263 -21.05 -9.63 25.58
C THR B 263 -20.15 -8.47 25.96
N LYS B 264 -20.38 -7.30 25.37
CA LYS B 264 -19.51 -6.15 25.64
C LYS B 264 -19.68 -5.63 27.08
N GLN B 265 -20.84 -5.84 27.70
CA GLN B 265 -21.07 -5.47 29.11
C GLN B 265 -20.26 -6.34 30.08
N MET B 266 -19.96 -7.59 29.66
CA MET B 266 -19.19 -8.58 30.48
C MET B 266 -17.67 -8.59 30.26
N PHE B 267 -17.25 -8.38 29.02
CA PHE B 267 -15.87 -8.58 28.60
C PHE B 267 -15.23 -7.31 28.03
N LYS B 268 -14.01 -7.01 28.50
CA LYS B 268 -13.14 -6.01 27.88
C LYS B 268 -12.29 -6.71 26.81
N ILE B 269 -11.41 -5.94 26.19
CA ILE B 269 -10.26 -6.49 25.45
C ILE B 269 -9.22 -5.38 25.27
N ASP B 270 -7.98 -5.59 25.72
CA ASP B 270 -6.92 -4.60 25.46
C ASP B 270 -6.59 -4.62 23.98
N PRO B 271 -6.73 -3.46 23.28
CA PRO B 271 -6.61 -3.49 21.83
C PRO B 271 -5.20 -3.71 21.32
N LYS B 272 -4.17 -3.45 22.13
CA LYS B 272 -2.79 -3.65 21.68
C LYS B 272 -2.37 -5.12 21.79
N THR B 273 -2.69 -5.74 22.93
CA THR B 273 -2.11 -7.04 23.34
C THR B 273 -2.93 -8.28 22.96
N GLY B 274 -4.22 -8.10 22.79
CA GLY B 274 -5.13 -9.21 22.54
C GLY B 274 -5.46 -9.93 23.83
N VAL B 275 -5.64 -9.18 24.90
CA VAL B 275 -5.87 -9.70 26.24
C VAL B 275 -7.33 -9.43 26.63
N ILE B 276 -8.20 -10.41 26.39
CA ILE B 276 -9.62 -10.32 26.78
C ILE B 276 -9.72 -10.52 28.29
N THR B 277 -10.03 -9.45 29.03
CA THR B 277 -10.21 -9.55 30.50
C THR B 277 -11.71 -9.74 30.81
N VAL B 278 -12.07 -9.75 32.11
CA VAL B 278 -13.47 -9.73 32.53
C VAL B 278 -13.85 -8.30 32.93
N ASN B 279 -15.13 -7.98 32.76
CA ASN B 279 -15.64 -6.63 32.98
C ASN B 279 -17.10 -6.62 33.46
N GLY B 280 -17.45 -7.53 34.36
CA GLY B 280 -18.81 -7.58 34.89
C GLY B 280 -19.15 -8.79 35.72
N VAL B 281 -20.31 -8.74 36.36
CA VAL B 281 -20.80 -9.87 37.13
C VAL B 281 -21.24 -10.91 36.12
N LEU B 282 -20.31 -11.80 35.82
CA LEU B 282 -20.52 -12.90 34.89
C LEU B 282 -21.40 -13.92 35.59
N ASP B 283 -22.42 -14.45 34.91
CA ASP B 283 -23.37 -15.32 35.61
C ASP B 283 -23.87 -16.49 34.79
N HIS B 284 -23.97 -17.63 35.46
CA HIS B 284 -24.38 -18.94 34.90
C HIS B 284 -25.88 -19.00 34.79
N GLU B 285 -26.54 -18.57 35.86
CA GLU B 285 -27.98 -18.62 35.93
C GLU B 285 -28.58 -17.49 35.08
N GLU B 286 -27.76 -16.51 34.68
CA GLU B 286 -28.09 -15.60 33.58
C GLU B 286 -27.91 -16.36 32.27
N LEU B 287 -26.68 -16.77 31.97
CA LEU B 287 -26.39 -17.35 30.67
C LEU B 287 -25.07 -18.14 30.66
N HIS B 288 -25.12 -19.37 30.14
CA HIS B 288 -24.07 -20.40 30.38
C HIS B 288 -22.85 -20.43 29.43
N ILE B 289 -23.02 -20.07 28.16
CA ILE B 289 -21.88 -19.85 27.21
C ILE B 289 -22.00 -18.54 26.40
N HIS B 290 -20.86 -17.96 26.04
CA HIS B 290 -20.84 -16.79 25.16
C HIS B 290 -20.08 -17.14 23.87
N GLU B 291 -20.11 -16.23 22.90
CA GLU B 291 -19.36 -16.36 21.66
C GLU B 291 -18.82 -15.01 21.28
N ILE B 292 -17.58 -14.76 21.68
CA ILE B 292 -16.93 -13.49 21.44
C ILE B 292 -16.21 -13.58 20.09
N ASP B 293 -16.50 -12.64 19.18
CA ASP B 293 -15.97 -12.65 17.82
C ASP B 293 -14.89 -11.60 17.66
N VAL B 294 -13.63 -12.05 17.63
CA VAL B 294 -12.48 -11.15 17.65
C VAL B 294 -11.92 -10.94 16.25
N GLN B 295 -11.64 -9.68 15.92
CA GLN B 295 -10.95 -9.27 14.72
C GLN B 295 -9.62 -8.67 15.13
N ALA B 296 -8.62 -8.88 14.29
CA ALA B 296 -7.36 -8.17 14.40
C ALA B 296 -6.92 -7.69 13.03
N LYS B 297 -6.75 -6.37 12.87
CA LYS B 297 -6.23 -5.77 11.63
C LYS B 297 -4.99 -4.93 11.92
N ASP B 298 -4.08 -4.93 10.95
CA ASP B 298 -2.84 -4.17 11.04
C ASP B 298 -3.09 -2.72 10.70
N LEU B 299 -2.53 -1.84 11.51
CA LEU B 299 -2.54 -0.42 11.21
C LEU B 299 -1.68 -0.24 9.98
N GLY B 300 -2.28 0.09 8.84
CA GLY B 300 -1.50 0.34 7.64
C GLY B 300 -2.27 0.16 6.36
N PRO B 301 -1.64 0.46 5.22
CA PRO B 301 -2.33 0.59 3.95
C PRO B 301 -3.10 -0.65 3.49
N ASN B 302 -4.09 -0.43 2.62
CA ASN B 302 -4.89 -1.48 1.98
C ASN B 302 -4.91 -2.76 2.83
N SER B 303 -5.44 -2.62 4.05
CA SER B 303 -5.44 -3.69 5.05
C SER B 303 -6.53 -4.73 4.83
N ILE B 304 -6.23 -5.94 5.23
CA ILE B 304 -7.19 -7.02 5.30
C ILE B 304 -7.15 -7.48 6.76
N PRO B 305 -8.34 -7.61 7.41
CA PRO B 305 -8.41 -8.04 8.81
C PRO B 305 -8.47 -9.57 8.93
N ALA B 306 -8.46 -10.04 10.17
CA ALA B 306 -8.47 -11.46 10.45
C ALA B 306 -9.25 -11.71 11.71
N HIS B 307 -10.10 -12.73 11.65
CA HIS B 307 -11.09 -13.01 12.67
C HIS B 307 -10.88 -14.34 13.37
N CYS B 308 -11.42 -14.42 14.58
CA CYS B 308 -11.55 -15.68 15.33
C CYS B 308 -12.77 -15.63 16.27
N LYS B 309 -13.14 -16.80 16.80
CA LYS B 309 -14.28 -16.93 17.70
C LYS B 309 -13.86 -17.61 18.98
N VAL B 310 -13.91 -16.90 20.12
CA VAL B 310 -13.61 -17.52 21.43
C VAL B 310 -14.94 -17.82 22.15
N ILE B 311 -15.07 -19.06 22.62
CA ILE B 311 -16.27 -19.53 23.34
C ILE B 311 -15.88 -19.62 24.83
N VAL B 312 -16.59 -18.87 25.67
CA VAL B 312 -16.30 -18.85 27.11
C VAL B 312 -17.39 -19.59 27.85
N ASN B 313 -17.10 -20.80 28.34
CA ASN B 313 -18.06 -21.54 29.17
C ASN B 313 -18.05 -21.01 30.60
N VAL B 314 -19.23 -20.65 31.10
CA VAL B 314 -19.36 -20.15 32.47
C VAL B 314 -19.59 -21.34 33.37
N ILE B 315 -19.01 -21.26 34.56
CA ILE B 315 -18.97 -22.36 35.52
C ILE B 315 -19.89 -22.09 36.69
N ASP B 316 -20.83 -22.99 36.91
CA ASP B 316 -21.74 -22.90 38.03
C ASP B 316 -20.97 -23.07 39.32
N ILE B 317 -20.89 -22.00 40.10
CA ILE B 317 -20.47 -22.08 41.50
C ILE B 317 -21.74 -22.03 42.34
N ASN B 318 -21.62 -22.41 43.62
CA ASN B 318 -22.76 -22.42 44.55
C ASN B 318 -22.92 -21.08 45.24
N ASP B 319 -23.48 -20.14 44.49
CA ASP B 319 -23.67 -18.76 44.95
C ASP B 319 -25.12 -18.45 45.27
N ASN B 320 -26.05 -19.11 44.57
CA ASN B 320 -27.48 -19.00 44.87
C ASN B 320 -27.93 -20.03 45.92
N ALA B 321 -28.79 -19.58 46.83
CA ALA B 321 -29.26 -20.37 47.97
C ALA B 321 -30.15 -21.54 47.56
N PRO B 322 -30.76 -22.24 48.53
CA PRO B 322 -32.00 -22.99 48.35
C PRO B 322 -33.21 -22.16 48.72
N GLU B 323 -34.38 -22.65 48.30
CA GLU B 323 -35.63 -21.92 48.45
C GLU B 323 -36.78 -22.87 48.79
N ILE B 324 -37.54 -22.51 49.82
CA ILE B 324 -38.57 -23.36 50.40
C ILE B 324 -39.91 -22.63 50.36
N LYS B 325 -40.69 -22.89 49.32
CA LYS B 325 -41.99 -22.21 49.15
C LYS B 325 -43.13 -23.13 49.60
N LEU B 326 -43.85 -22.71 50.65
CA LEU B 326 -45.03 -23.42 51.09
C LEU B 326 -46.16 -23.18 50.08
N LEU B 327 -46.88 -24.24 49.71
CA LEU B 327 -47.98 -24.18 48.72
C LEU B 327 -49.37 -24.28 49.38
N SER B 328 -49.69 -23.27 50.17
CA SER B 328 -51.04 -23.05 50.68
C SER B 328 -51.42 -21.62 50.37
N GLU B 329 -52.72 -21.32 50.42
CA GLU B 329 -53.19 -19.96 50.19
C GLU B 329 -52.60 -18.98 51.22
N ASN B 330 -52.68 -19.32 52.51
CA ASN B 330 -52.07 -18.49 53.56
C ASN B 330 -50.57 -18.74 53.58
N SER B 331 -49.80 -17.66 53.57
CA SER B 331 -48.34 -17.73 53.47
C SER B 331 -47.69 -18.29 54.73
N GLU B 332 -48.23 -17.94 55.91
CA GLU B 332 -47.55 -18.19 57.19
C GLU B 332 -48.24 -19.14 58.16
N MET B 333 -49.46 -19.62 57.85
CA MET B 333 -50.20 -20.55 58.73
C MET B 333 -51.00 -21.54 57.89
N VAL B 334 -51.30 -22.70 58.48
CA VAL B 334 -52.12 -23.73 57.84
C VAL B 334 -53.09 -24.37 58.84
N GLU B 335 -54.23 -24.87 58.36
CA GLU B 335 -55.26 -25.48 59.21
C GLU B 335 -55.51 -26.95 58.88
N VAL B 336 -55.98 -27.70 59.88
CA VAL B 336 -56.28 -29.13 59.75
C VAL B 336 -57.10 -29.59 60.97
N SER B 337 -57.98 -30.58 60.78
CA SER B 337 -58.78 -31.11 61.89
C SER B 337 -57.91 -31.95 62.83
N GLU B 338 -58.20 -31.91 64.13
CA GLU B 338 -57.57 -32.81 65.11
C GLU B 338 -57.83 -34.28 64.77
N ASN B 339 -59.00 -34.55 64.16
CA ASN B 339 -59.40 -35.88 63.69
C ASN B 339 -58.90 -36.08 62.26
N ALA B 340 -57.63 -36.51 62.15
CA ALA B 340 -56.96 -36.79 60.87
C ALA B 340 -56.58 -38.27 60.77
N PRO B 341 -56.59 -38.85 59.55
CA PRO B 341 -56.29 -40.28 59.36
C PRO B 341 -54.81 -40.66 59.09
N LEU B 342 -53.88 -40.16 59.93
CA LEU B 342 -52.46 -40.61 59.91
C LEU B 342 -51.63 -40.33 58.64
N GLY B 343 -52.27 -39.87 57.56
CA GLY B 343 -51.59 -39.51 56.32
C GLY B 343 -52.36 -38.44 55.59
N TYR B 344 -52.87 -37.46 56.34
CA TYR B 344 -53.61 -36.34 55.77
C TYR B 344 -52.60 -35.37 55.17
N VAL B 345 -52.65 -35.26 53.85
CA VAL B 345 -51.79 -34.36 53.11
C VAL B 345 -52.37 -32.96 53.32
N ILE B 346 -51.72 -32.15 54.16
CA ILE B 346 -52.22 -30.79 54.49
C ILE B 346 -51.74 -29.72 53.49
N ALA B 347 -50.49 -29.84 53.03
CA ALA B 347 -49.91 -28.90 52.05
C ALA B 347 -48.73 -29.51 51.27
N LEU B 348 -48.31 -28.81 50.22
CA LEU B 348 -47.12 -29.17 49.43
C LEU B 348 -46.04 -28.11 49.65
N VAL B 349 -44.79 -28.47 49.35
CA VAL B 349 -43.67 -27.51 49.44
C VAL B 349 -42.70 -27.65 48.26
N ARG B 350 -42.22 -26.51 47.78
CA ARG B 350 -41.26 -26.48 46.71
C ARG B 350 -39.87 -26.40 47.28
N VAL B 351 -39.18 -27.52 47.17
CA VAL B 351 -37.72 -27.53 47.13
C VAL B 351 -37.31 -27.11 45.72
N SER B 352 -36.39 -26.15 45.65
CA SER B 352 -35.98 -25.55 44.37
C SER B 352 -34.66 -24.80 44.51
N ASP B 353 -33.83 -24.90 43.48
CA ASP B 353 -32.53 -24.24 43.43
C ASP B 353 -32.11 -24.01 41.98
N ASN B 354 -31.60 -22.81 41.74
CA ASN B 354 -31.28 -22.34 40.39
C ASN B 354 -30.03 -23.04 39.92
N ASP B 355 -29.02 -22.96 40.78
CA ASP B 355 -27.69 -23.53 40.53
C ASP B 355 -27.83 -24.92 39.88
N SER B 356 -27.05 -25.14 38.82
CA SER B 356 -27.18 -26.32 37.97
C SER B 356 -26.55 -27.58 38.55
N GLY B 357 -27.12 -28.72 38.19
CA GLY B 357 -26.53 -30.02 38.47
C GLY B 357 -26.47 -30.38 39.95
N ALA B 358 -25.25 -30.42 40.49
CA ALA B 358 -25.00 -30.87 41.85
C ALA B 358 -25.22 -29.75 42.86
N ASN B 359 -24.75 -28.54 42.54
CA ASN B 359 -24.86 -27.40 43.46
C ASN B 359 -26.29 -26.97 43.83
N GLY B 360 -27.27 -27.37 43.04
CA GLY B 360 -28.68 -27.13 43.35
C GLY B 360 -29.55 -28.37 43.39
N LYS B 361 -29.04 -29.44 44.03
CA LYS B 361 -29.86 -30.59 44.39
C LYS B 361 -29.97 -30.63 45.91
N VAL B 362 -31.19 -30.42 46.41
CA VAL B 362 -31.41 -30.05 47.82
C VAL B 362 -32.05 -31.14 48.63
N GLN B 363 -31.41 -31.44 49.76
CA GLN B 363 -31.99 -32.29 50.78
C GLN B 363 -32.83 -31.37 51.63
N CYS B 364 -33.78 -31.94 52.38
CA CYS B 364 -34.63 -31.15 53.25
C CYS B 364 -35.27 -32.03 54.33
N ARG B 365 -35.27 -31.53 55.57
CA ARG B 365 -35.76 -32.26 56.73
C ARG B 365 -36.73 -31.41 57.54
N LEU B 366 -37.17 -31.95 58.67
CA LEU B 366 -38.09 -31.27 59.59
C LEU B 366 -37.24 -30.60 60.68
N GLN B 367 -37.81 -30.33 61.87
CA GLN B 367 -37.07 -29.64 62.96
C GLN B 367 -36.40 -30.55 64.03
N GLY B 368 -37.18 -31.39 64.72
CA GLY B 368 -36.65 -32.30 65.75
C GLY B 368 -37.57 -33.50 65.93
N ASN B 369 -38.25 -33.57 67.07
CA ASN B 369 -39.34 -34.55 67.29
C ASN B 369 -40.46 -34.40 66.24
N VAL B 370 -41.10 -35.50 65.90
CA VAL B 370 -41.89 -35.60 64.65
C VAL B 370 -43.37 -35.97 64.88
N PRO B 371 -44.19 -34.97 65.31
CA PRO B 371 -45.65 -35.19 65.30
C PRO B 371 -46.21 -35.25 63.89
N PHE B 372 -45.50 -34.65 62.95
CA PHE B 372 -45.79 -34.70 61.51
C PHE B 372 -44.54 -35.20 60.75
N ARG B 373 -44.63 -35.21 59.42
CA ARG B 373 -43.61 -35.82 58.55
C ARG B 373 -43.66 -35.20 57.14
N LEU B 374 -42.52 -35.19 56.45
CA LEU B 374 -42.41 -34.67 55.07
C LEU B 374 -41.91 -35.77 54.12
N ASN B 375 -42.38 -35.77 52.88
CA ASN B 375 -42.21 -36.93 51.98
C ASN B 375 -41.85 -36.51 50.55
N GLU B 376 -40.55 -36.43 50.24
CA GLU B 376 -40.08 -35.88 48.96
C GLU B 376 -40.48 -36.77 47.78
N PHE B 377 -40.99 -36.12 46.73
CA PHE B 377 -41.29 -36.76 45.44
C PHE B 377 -40.39 -36.10 44.38
N GLU B 378 -40.71 -36.29 43.10
CA GLU B 378 -40.07 -35.52 42.03
C GLU B 378 -40.63 -34.09 42.06
N SER B 379 -39.76 -33.07 41.92
CA SER B 379 -40.17 -31.64 41.80
C SER B 379 -40.80 -30.93 43.02
N PHE B 380 -41.31 -31.68 43.99
CA PHE B 380 -41.97 -31.12 45.18
C PHE B 380 -42.10 -32.17 46.29
N SER B 381 -42.41 -31.72 47.49
CA SER B 381 -42.62 -32.61 48.63
C SER B 381 -44.04 -32.48 49.21
N THR B 382 -44.41 -33.46 50.05
CA THR B 382 -45.77 -33.67 50.56
C THR B 382 -45.75 -33.71 52.09
N LEU B 383 -46.48 -32.81 52.75
CA LEU B 383 -46.54 -32.76 54.23
C LEU B 383 -47.65 -33.68 54.79
N LEU B 384 -47.28 -34.92 55.11
CA LEU B 384 -48.20 -35.89 55.74
C LEU B 384 -48.17 -35.71 57.28
N VAL B 385 -49.01 -36.45 58.02
CA VAL B 385 -49.01 -36.40 59.51
C VAL B 385 -48.46 -37.70 60.12
N ASP B 386 -48.23 -37.70 61.43
CA ASP B 386 -47.74 -38.89 62.13
C ASP B 386 -48.58 -39.27 63.36
N GLY B 387 -48.46 -38.53 64.47
CA GLY B 387 -49.03 -38.95 65.76
C GLY B 387 -50.51 -38.69 66.05
N ARG B 388 -51.24 -38.08 65.10
CA ARG B 388 -52.62 -37.55 65.29
C ARG B 388 -52.99 -37.02 66.69
N LEU B 389 -52.65 -35.75 66.93
CA LEU B 389 -52.65 -35.17 68.27
C LEU B 389 -53.95 -34.46 68.66
N ASP B 390 -54.07 -34.19 69.97
CA ASP B 390 -55.24 -33.54 70.56
C ASP B 390 -55.21 -32.04 70.35
N ARG B 391 -56.39 -31.46 70.11
CA ARG B 391 -56.61 -30.02 70.12
C ARG B 391 -56.70 -29.47 71.56
N GLU B 392 -57.24 -30.28 72.49
CA GLU B 392 -57.47 -29.86 73.89
C GLU B 392 -56.19 -29.48 74.63
N GLN B 393 -55.10 -30.21 74.38
CA GLN B 393 -53.80 -29.91 74.98
C GLN B 393 -53.05 -28.87 74.16
N ARG B 394 -52.81 -29.19 72.88
CA ARG B 394 -52.08 -28.31 71.97
C ARG B 394 -52.88 -28.00 70.69
N ASP B 395 -53.56 -26.85 70.70
CA ASP B 395 -54.30 -26.31 69.54
C ASP B 395 -53.40 -25.98 68.33
N MET B 396 -52.14 -25.62 68.60
CA MET B 396 -51.22 -25.15 67.57
C MET B 396 -49.76 -25.56 67.86
N TYR B 397 -48.97 -25.74 66.79
CA TYR B 397 -47.52 -25.92 66.87
C TYR B 397 -46.84 -24.94 65.91
N ASN B 398 -45.57 -24.64 66.17
CA ASN B 398 -44.77 -23.75 65.30
C ASN B 398 -43.64 -24.52 64.61
N LEU B 399 -43.98 -25.20 63.52
CA LEU B 399 -43.01 -26.00 62.77
C LEU B 399 -41.97 -25.15 62.00
N THR B 400 -40.84 -25.79 61.68
CA THR B 400 -39.78 -25.23 60.80
C THR B 400 -39.22 -26.31 59.84
N ILE B 401 -39.12 -25.97 58.56
CA ILE B 401 -38.44 -26.80 57.55
C ILE B 401 -36.98 -26.35 57.43
N LEU B 402 -36.08 -27.31 57.16
CA LEU B 402 -34.68 -27.06 56.75
C LEU B 402 -34.44 -27.56 55.31
N ALA B 403 -33.55 -26.87 54.59
CA ALA B 403 -33.16 -27.26 53.24
C ALA B 403 -31.71 -26.84 52.95
N GLU B 404 -30.87 -27.84 52.69
CA GLU B 404 -29.45 -27.67 52.43
C GLU B 404 -29.13 -28.32 51.09
N ASP B 405 -28.47 -27.55 50.22
CA ASP B 405 -28.06 -28.08 48.90
C ASP B 405 -26.84 -28.96 49.01
N SER B 406 -26.59 -29.71 47.95
CA SER B 406 -25.44 -30.60 47.90
C SER B 406 -24.28 -29.90 47.17
N GLY B 407 -23.85 -28.75 47.70
CA GLY B 407 -22.74 -27.97 47.13
C GLY B 407 -21.75 -27.57 48.20
N TYR B 408 -20.62 -27.00 47.78
CA TYR B 408 -19.59 -26.50 48.69
C TYR B 408 -19.10 -25.12 48.23
N PRO B 409 -19.08 -24.08 49.08
CA PRO B 409 -19.62 -24.10 50.44
C PRO B 409 -21.11 -24.38 50.44
N PRO B 410 -21.60 -25.22 51.37
CA PRO B 410 -22.99 -25.63 51.29
C PRO B 410 -23.90 -24.53 51.77
N LEU B 411 -24.94 -24.26 50.99
CA LEU B 411 -25.91 -23.24 51.34
C LEU B 411 -27.17 -23.87 51.90
N ARG B 412 -27.69 -23.22 52.92
CA ARG B 412 -28.92 -23.62 53.58
C ARG B 412 -29.79 -22.39 53.80
N SER B 413 -31.09 -22.65 53.92
CA SER B 413 -32.04 -21.65 54.35
C SER B 413 -33.17 -22.41 55.05
N SER B 414 -34.22 -21.69 55.45
CA SER B 414 -35.33 -22.28 56.19
C SER B 414 -36.65 -21.56 55.96
N LYS B 415 -37.74 -22.24 56.32
CA LYS B 415 -39.07 -21.65 56.40
C LYS B 415 -39.79 -22.28 57.58
N SER B 416 -40.19 -21.45 58.54
CA SER B 416 -41.00 -21.88 59.66
C SER B 416 -42.40 -21.32 59.54
N PHE B 417 -43.37 -21.97 60.20
CA PHE B 417 -44.77 -21.53 60.15
C PHE B 417 -45.60 -22.09 61.31
N ALA B 418 -46.83 -21.60 61.43
CA ALA B 418 -47.78 -22.06 62.44
C ALA B 418 -48.75 -23.10 61.86
N VAL B 419 -49.39 -23.88 62.74
CA VAL B 419 -50.36 -24.90 62.32
C VAL B 419 -51.42 -25.18 63.41
N LYS B 420 -52.50 -24.39 63.40
CA LYS B 420 -53.60 -24.59 64.37
C LYS B 420 -54.44 -25.84 63.99
N VAL B 421 -55.22 -26.39 64.94
CA VAL B 421 -56.15 -27.51 64.65
C VAL B 421 -57.65 -27.27 64.97
N THR B 422 -58.52 -27.79 64.09
CA THR B 422 -60.01 -27.66 64.18
C THR B 422 -60.65 -29.03 64.48
N ASP B 423 -61.97 -29.18 64.24
CA ASP B 423 -62.71 -30.41 64.58
C ASP B 423 -63.63 -30.86 63.45
N LEU B 424 -63.35 -32.04 62.90
CA LEU B 424 -64.21 -32.69 61.91
C LEU B 424 -63.72 -34.11 61.67
#